data_4JQ3
#
_entry.id   4JQ3
#
_cell.length_a   143.650
_cell.length_b   143.650
_cell.length_c   203.882
_cell.angle_alpha   90.00
_cell.angle_beta   90.00
_cell.angle_gamma   120.00
#
_symmetry.space_group_name_H-M   'H 3 2'
#
loop_
_entity.id
_entity.type
_entity.pdbx_description
1 polymer 'Aldo-keto reductase family 1 member C2'
2 non-polymer '[5-(4-chlorobenzoyl)-1,4-dimethyl-1H-pyrrol-2-yl]acetic acid'
3 non-polymer 'NADP NICOTINAMIDE-ADENINE-DINUCLEOTIDE PHOSPHATE'
4 non-polymer 1,2-ETHANEDIOL
5 non-polymer 'L(+)-TARTARIC ACID'
6 non-polymer 'PHOSPHATE ION'
7 water water
#
_entity_poly.entity_id   1
_entity_poly.type   'polypeptide(L)'
_entity_poly.pdbx_seq_one_letter_code
;MDSKYQCVKLNDGHFMPVLGFGTYAPAEVPKSKALEAVKLAIEAGFHHIDSAHVYNNEEQVGLAIRSKIADGSVKREDIF
YTSKLWSNSHRPELVRPALERSLKNLQLDYVDLYLIHFPVSVKPGEEVIPKDENGKILFDTVDLCATWEAMEKCKDAGLA
KSIGVSNFNHRLLEMILNKPGLKYKPVCNQVECHPYFNQRKLLDFCKSKDIVLVAYSALGSHREEPWVDPNSPVLLEDPV
LCALAKKHKRTPALIALRYQLQRGVVVLAKSYNEQRIRQNVQVFEFQLTSEEMKAIDGLNRNVRYLTLDIFAGPPNYPFS
DEYLEHHHHHH
;
_entity_poly.pdbx_strand_id   A,B
#
# COMPACT_ATOMS: atom_id res chain seq x y z
N LYS A 4 -11.42 3.61 -6.54
CA LYS A 4 -9.99 3.30 -6.23
C LYS A 4 -9.81 2.10 -5.26
N TYR A 5 -8.59 1.60 -5.15
CA TYR A 5 -8.29 0.41 -4.33
C TYR A 5 -6.77 0.20 -4.16
N GLN A 6 -6.37 -0.53 -3.13
N GLN A 6 -6.37 -0.55 -3.14
CA GLN A 6 -4.96 -0.59 -2.73
CA GLN A 6 -4.98 -0.58 -2.78
C GLN A 6 -4.21 -1.63 -3.60
C GLN A 6 -4.21 -1.63 -3.62
N CYS A 7 -3.17 -1.14 -4.30
CA CYS A 7 -2.31 -1.94 -5.15
C CYS A 7 -0.83 -1.70 -4.84
N VAL A 8 0.01 -2.61 -5.33
CA VAL A 8 1.47 -2.47 -5.24
C VAL A 8 2.06 -2.60 -6.66
N LYS A 9 3.15 -1.83 -6.87
CA LYS A 9 3.87 -1.75 -8.14
C LYS A 9 4.78 -2.97 -8.16
N LEU A 10 4.58 -3.77 -9.18
CA LEU A 10 5.40 -4.95 -9.41
C LEU A 10 6.69 -4.58 -10.17
N ASN A 11 7.66 -5.51 -10.20
CA ASN A 11 8.97 -5.12 -10.77
C ASN A 11 8.94 -4.99 -12.28
N ASP A 12 7.82 -5.32 -12.93
CA ASP A 12 7.69 -5.00 -14.32
C ASP A 12 6.83 -3.74 -14.62
N GLY A 13 6.61 -2.90 -13.62
CA GLY A 13 5.78 -1.71 -13.81
C GLY A 13 4.27 -1.95 -13.69
N HIS A 14 3.82 -3.19 -13.62
CA HIS A 14 2.37 -3.42 -13.53
C HIS A 14 1.97 -3.31 -12.04
N PHE A 15 0.66 -3.20 -11.75
CA PHE A 15 0.17 -3.03 -10.38
C PHE A 15 -0.72 -4.21 -9.95
N MET A 16 -0.52 -4.69 -8.72
CA MET A 16 -1.30 -5.83 -8.26
C MET A 16 -2.13 -5.43 -7.04
N PRO A 17 -3.47 -5.67 -7.03
CA PRO A 17 -4.26 -5.35 -5.85
C PRO A 17 -3.75 -6.21 -4.72
N VAL A 18 -3.59 -5.64 -3.54
CA VAL A 18 -2.90 -6.28 -2.44
C VAL A 18 -3.77 -7.32 -1.70
N LEU A 19 -5.10 -7.36 -1.97
CA LEU A 19 -6.03 -8.42 -1.52
C LEU A 19 -6.62 -9.19 -2.71
N GLY A 20 -6.35 -10.50 -2.75
CA GLY A 20 -6.87 -11.37 -3.76
C GLY A 20 -7.86 -12.39 -3.19
N PHE A 21 -8.76 -12.78 -4.08
CA PHE A 21 -9.76 -13.75 -3.81
C PHE A 21 -9.28 -15.10 -4.34
N GLY A 22 -9.19 -16.10 -3.48
CA GLY A 22 -8.79 -17.46 -3.86
C GLY A 22 -10.03 -18.22 -4.31
N THR A 23 -9.86 -19.01 -5.35
CA THR A 23 -10.97 -19.73 -5.91
C THR A 23 -10.85 -21.25 -5.84
N TYR A 24 -9.86 -21.80 -5.18
CA TYR A 24 -9.83 -23.26 -5.02
C TYR A 24 -10.84 -23.75 -4.00
N ALA A 25 -11.61 -24.77 -4.37
CA ALA A 25 -12.44 -25.52 -3.43
C ALA A 25 -12.35 -27.03 -3.66
N PRO A 26 -12.34 -27.81 -2.55
CA PRO A 26 -12.32 -29.28 -2.64
C PRO A 26 -13.39 -29.76 -3.63
N ALA A 27 -13.14 -30.89 -4.30
CA ALA A 27 -13.89 -31.27 -5.50
C ALA A 27 -15.37 -31.60 -5.25
N GLU A 28 -15.71 -31.95 -4.02
CA GLU A 28 -17.09 -32.27 -3.68
C GLU A 28 -17.89 -31.00 -3.63
N VAL A 29 -17.19 -29.87 -3.54
CA VAL A 29 -17.90 -28.61 -3.63
C VAL A 29 -18.25 -28.42 -5.10
N PRO A 30 -19.54 -28.37 -5.46
CA PRO A 30 -19.83 -28.23 -6.88
C PRO A 30 -19.23 -26.93 -7.51
N LYS A 31 -18.87 -27.04 -8.78
CA LYS A 31 -18.25 -25.96 -9.50
C LYS A 31 -19.10 -24.70 -9.63
N SER A 32 -20.42 -24.87 -9.61
CA SER A 32 -21.39 -23.78 -9.63
C SER A 32 -21.14 -22.73 -8.53
N LYS A 33 -20.61 -23.18 -7.40
CA LYS A 33 -20.38 -22.29 -6.26
C LYS A 33 -19.26 -21.31 -6.58
N ALA A 34 -18.40 -21.70 -7.51
CA ALA A 34 -17.28 -20.84 -7.87
C ALA A 34 -17.78 -19.62 -8.63
N LEU A 35 -18.77 -19.81 -9.48
CA LEU A 35 -19.32 -18.71 -10.22
C LEU A 35 -19.95 -17.72 -9.26
N GLU A 36 -20.76 -18.21 -8.31
CA GLU A 36 -21.50 -17.31 -7.43
C GLU A 36 -20.48 -16.61 -6.52
N ALA A 37 -19.50 -17.36 -6.01
CA ALA A 37 -18.50 -16.73 -5.10
C ALA A 37 -17.64 -15.62 -5.72
N VAL A 38 -17.17 -15.82 -6.94
CA VAL A 38 -16.41 -14.76 -7.60
C VAL A 38 -17.23 -13.51 -7.85
N LYS A 39 -18.49 -13.67 -8.29
CA LYS A 39 -19.37 -12.52 -8.42
C LYS A 39 -19.51 -11.76 -7.12
N LEU A 40 -19.69 -12.46 -6.00
CA LEU A 40 -19.80 -11.87 -4.69
C LEU A 40 -18.52 -11.18 -4.26
N ALA A 41 -17.40 -11.79 -4.58
CA ALA A 41 -16.12 -11.20 -4.24
C ALA A 41 -15.97 -9.87 -4.99
N ILE A 42 -16.31 -9.85 -6.27
CA ILE A 42 -16.28 -8.57 -7.05
C ILE A 42 -17.19 -7.49 -6.48
N GLU A 43 -18.45 -7.84 -6.25
CA GLU A 43 -19.45 -6.99 -5.60
C GLU A 43 -18.90 -6.43 -4.30
N ALA A 44 -18.18 -7.27 -3.56
CA ALA A 44 -17.69 -6.84 -2.22
C ALA A 44 -16.49 -5.93 -2.29
N GLY A 45 -15.89 -5.85 -3.48
CA GLY A 45 -14.71 -5.02 -3.66
C GLY A 45 -13.38 -5.70 -3.91
N PHE A 46 -13.37 -7.03 -4.15
CA PHE A 46 -12.11 -7.66 -4.55
C PHE A 46 -11.85 -7.23 -5.98
N HIS A 47 -10.60 -6.90 -6.25
CA HIS A 47 -10.19 -6.58 -7.60
C HIS A 47 -9.11 -7.52 -8.11
N HIS A 48 -8.79 -8.57 -7.39
CA HIS A 48 -7.71 -9.50 -7.72
C HIS A 48 -8.30 -10.88 -7.50
N ILE A 49 -8.27 -11.73 -8.55
CA ILE A 49 -8.93 -13.05 -8.51
C ILE A 49 -7.87 -14.05 -8.88
N ASP A 50 -7.69 -15.06 -8.02
CA ASP A 50 -6.63 -16.05 -8.19
C ASP A 50 -7.18 -17.40 -8.57
N SER A 51 -6.80 -17.91 -9.77
CA SER A 51 -7.19 -19.26 -10.17
C SER A 51 -6.04 -20.02 -10.76
N ALA A 52 -6.38 -21.06 -11.49
CA ALA A 52 -5.36 -21.98 -12.03
C ALA A 52 -6.05 -23.02 -12.87
N HIS A 53 -5.31 -23.53 -13.86
CA HIS A 53 -5.83 -24.67 -14.65
C HIS A 53 -6.28 -25.86 -13.76
N VAL A 54 -5.46 -26.16 -12.78
CA VAL A 54 -5.58 -27.41 -12.03
C VAL A 54 -6.81 -27.34 -11.12
N TYR A 55 -7.32 -26.16 -10.81
CA TYR A 55 -8.57 -26.01 -10.01
C TYR A 55 -9.86 -26.42 -10.72
N ASN A 56 -9.83 -26.51 -12.04
CA ASN A 56 -10.96 -27.01 -12.81
C ASN A 56 -12.20 -26.18 -12.62
N ASN A 57 -12.04 -24.86 -12.59
CA ASN A 57 -13.11 -23.91 -12.35
C ASN A 57 -13.01 -22.67 -13.26
N GLU A 58 -12.02 -22.65 -14.14
CA GLU A 58 -11.78 -21.51 -15.01
C GLU A 58 -13.01 -21.16 -15.87
N GLU A 59 -13.79 -22.15 -16.32
CA GLU A 59 -15.02 -21.83 -17.07
C GLU A 59 -15.93 -20.99 -16.17
N GLN A 60 -16.08 -21.40 -14.93
CA GLN A 60 -16.97 -20.71 -14.01
C GLN A 60 -16.44 -19.38 -13.54
N VAL A 61 -15.13 -19.29 -13.26
CA VAL A 61 -14.51 -18.08 -12.74
C VAL A 61 -14.51 -17.02 -13.88
N GLY A 62 -14.22 -17.48 -15.08
CA GLY A 62 -14.27 -16.64 -16.30
C GLY A 62 -15.67 -16.11 -16.51
N LEU A 63 -16.68 -16.95 -16.33
CA LEU A 63 -18.05 -16.49 -16.53
C LEU A 63 -18.40 -15.38 -15.53
N ALA A 64 -17.93 -15.52 -14.29
CA ALA A 64 -18.22 -14.50 -13.27
C ALA A 64 -17.65 -13.16 -13.72
N ILE A 65 -16.39 -13.24 -14.14
CA ILE A 65 -15.69 -12.08 -14.52
C ILE A 65 -16.36 -11.42 -15.72
N ARG A 66 -16.63 -12.19 -16.74
CA ARG A 66 -17.29 -11.70 -17.93
C ARG A 66 -18.61 -11.06 -17.60
N SER A 67 -19.34 -11.72 -16.75
CA SER A 67 -20.67 -11.31 -16.36
C SER A 67 -20.65 -9.91 -15.62
N LYS A 68 -19.71 -9.71 -14.71
CA LYS A 68 -19.58 -8.45 -13.98
C LYS A 68 -19.03 -7.31 -14.82
N ILE A 69 -18.33 -7.64 -15.90
CA ILE A 69 -17.88 -6.63 -16.84
C ILE A 69 -19.06 -6.29 -17.71
N ALA A 70 -19.72 -7.30 -18.25
CA ALA A 70 -20.84 -7.08 -19.16
C ALA A 70 -22.02 -6.39 -18.52
N ASP A 71 -22.15 -6.48 -17.21
CA ASP A 71 -23.28 -5.78 -16.56
C ASP A 71 -22.94 -4.35 -16.05
N GLY A 72 -21.70 -3.93 -16.27
CA GLY A 72 -21.30 -2.57 -15.97
C GLY A 72 -20.78 -2.41 -14.58
N SER A 73 -20.71 -3.52 -13.82
CA SER A 73 -20.21 -3.45 -12.46
C SER A 73 -18.73 -3.15 -12.47
N VAL A 74 -17.96 -3.71 -13.39
CA VAL A 74 -16.53 -3.45 -13.34
C VAL A 74 -15.95 -3.39 -14.75
N LYS A 75 -14.81 -2.71 -14.91
CA LYS A 75 -14.09 -2.76 -16.20
C LYS A 75 -12.99 -3.77 -16.16
N ARG A 76 -12.65 -4.38 -17.30
CA ARG A 76 -11.58 -5.42 -17.31
C ARG A 76 -10.29 -4.94 -16.69
N GLU A 77 -9.97 -3.67 -16.88
CA GLU A 77 -8.68 -3.15 -16.38
C GLU A 77 -8.73 -3.03 -14.88
N ASP A 78 -9.92 -3.20 -14.28
CA ASP A 78 -10.01 -3.16 -12.83
C ASP A 78 -10.18 -4.50 -12.19
N ILE A 79 -9.93 -5.54 -12.97
CA ILE A 79 -9.75 -6.89 -12.49
C ILE A 79 -8.34 -7.34 -12.80
N PHE A 80 -7.69 -7.91 -11.79
CA PHE A 80 -6.38 -8.51 -11.90
C PHE A 80 -6.61 -10.02 -11.74
N TYR A 81 -6.52 -10.73 -12.84
CA TYR A 81 -6.81 -12.17 -12.90
C TYR A 81 -5.52 -12.96 -13.08
N THR A 82 -5.34 -14.00 -12.24
CA THR A 82 -4.13 -14.78 -12.22
C THR A 82 -4.50 -16.19 -12.58
N SER A 83 -3.77 -16.74 -13.53
CA SER A 83 -3.79 -18.21 -13.79
C SER A 83 -2.39 -18.81 -13.52
N LYS A 84 -2.32 -20.15 -13.58
CA LYS A 84 -1.11 -20.86 -13.27
C LYS A 84 -0.93 -21.99 -14.27
N LEU A 85 0.30 -22.06 -14.77
CA LEU A 85 0.76 -23.12 -15.62
C LEU A 85 0.95 -24.40 -14.82
N TRP A 86 0.17 -25.43 -15.15
CA TRP A 86 0.27 -26.74 -14.42
C TRP A 86 1.50 -27.51 -14.91
N SER A 87 1.96 -28.42 -14.09
CA SER A 87 3.22 -29.12 -14.33
C SER A 87 3.23 -30.11 -15.48
N ASN A 88 2.06 -30.42 -16.02
CA ASN A 88 2.01 -31.23 -17.24
C ASN A 88 2.34 -30.41 -18.50
N SER A 89 2.53 -29.10 -18.34
CA SER A 89 2.84 -28.25 -19.47
C SER A 89 4.11 -27.44 -19.29
N HIS A 90 5.05 -27.98 -18.51
CA HIS A 90 6.38 -27.34 -18.35
C HIS A 90 7.28 -27.30 -19.60
N ARG A 91 7.16 -28.28 -20.49
CA ARG A 91 7.98 -28.24 -21.67
C ARG A 91 7.71 -26.94 -22.39
N PRO A 92 8.78 -26.27 -22.83
CA PRO A 92 8.64 -24.91 -23.41
C PRO A 92 7.56 -24.77 -24.50
N GLU A 93 7.47 -25.75 -25.40
CA GLU A 93 6.55 -25.68 -26.49
C GLU A 93 5.10 -25.90 -26.08
N LEU A 94 4.90 -26.34 -24.83
CA LEU A 94 3.55 -26.56 -24.29
C LEU A 94 3.03 -25.39 -23.45
N VAL A 95 3.92 -24.46 -23.09
CA VAL A 95 3.56 -23.34 -22.18
C VAL A 95 2.49 -22.45 -22.77
N ARG A 96 2.75 -21.92 -23.94
CA ARG A 96 1.78 -21.06 -24.60
C ARG A 96 0.46 -21.75 -24.91
N PRO A 97 0.50 -23.00 -25.47
CA PRO A 97 -0.81 -23.69 -25.60
C PRO A 97 -1.60 -23.84 -24.30
N ALA A 98 -0.91 -23.96 -23.17
CA ALA A 98 -1.60 -24.10 -21.88
C ALA A 98 -2.30 -22.80 -21.52
N LEU A 99 -1.61 -21.71 -21.76
CA LEU A 99 -2.17 -20.37 -21.46
C LEU A 99 -3.34 -20.09 -22.39
N GLU A 100 -3.16 -20.49 -23.66
CA GLU A 100 -4.20 -20.28 -24.64
C GLU A 100 -5.42 -21.11 -24.30
N ARG A 101 -5.24 -22.30 -23.74
CA ARG A 101 -6.37 -23.13 -23.36
C ARG A 101 -7.11 -22.54 -22.15
N SER A 102 -6.36 -22.03 -21.19
CA SER A 102 -6.95 -21.39 -19.99
C SER A 102 -7.76 -20.16 -20.50
N LEU A 103 -7.17 -19.40 -21.41
CA LEU A 103 -7.86 -18.21 -21.92
C LEU A 103 -9.15 -18.55 -22.69
N LYS A 104 -9.14 -19.65 -23.46
CA LYS A 104 -10.34 -20.12 -24.08
C LYS A 104 -11.41 -20.58 -23.06
N ASN A 105 -11.02 -21.32 -22.04
CA ASN A 105 -11.97 -21.73 -21.02
C ASN A 105 -12.55 -20.50 -20.32
N LEU A 106 -11.71 -19.50 -20.10
CA LEU A 106 -12.12 -18.24 -19.38
C LEU A 106 -12.95 -17.26 -20.23
N GLN A 107 -12.86 -17.41 -21.54
CA GLN A 107 -13.14 -16.36 -22.50
C GLN A 107 -12.64 -14.99 -22.08
N LEU A 108 -11.35 -14.89 -21.76
CA LEU A 108 -10.66 -13.64 -21.61
C LEU A 108 -9.56 -13.54 -22.65
N ASP A 109 -9.17 -12.33 -22.97
CA ASP A 109 -8.14 -12.09 -23.97
C ASP A 109 -6.74 -12.24 -23.39
N TYR A 110 -6.60 -11.89 -22.15
CA TYR A 110 -5.33 -11.94 -21.46
C TYR A 110 -5.50 -12.28 -19.96
N VAL A 111 -4.43 -12.76 -19.35
CA VAL A 111 -4.39 -12.87 -17.91
C VAL A 111 -3.46 -11.79 -17.43
N ASP A 112 -3.73 -11.29 -16.24
CA ASP A 112 -2.86 -10.32 -15.66
C ASP A 112 -1.60 -10.89 -15.17
N LEU A 113 -1.66 -12.16 -14.70
CA LEU A 113 -0.53 -12.83 -14.10
C LEU A 113 -0.59 -14.30 -14.48
N TYR A 114 0.55 -14.84 -14.92
CA TYR A 114 0.65 -16.30 -15.18
C TYR A 114 1.86 -16.79 -14.39
N LEU A 115 1.66 -17.80 -13.55
CA LEU A 115 2.71 -18.33 -12.69
C LEU A 115 3.07 -19.74 -13.11
N ILE A 116 4.30 -20.12 -12.84
CA ILE A 116 4.68 -21.54 -12.82
C ILE A 116 4.16 -22.04 -11.53
N HIS A 117 3.18 -22.93 -11.61
CA HIS A 117 2.40 -23.35 -10.41
C HIS A 117 3.24 -24.12 -9.40
N PHE A 118 4.04 -25.07 -9.88
CA PHE A 118 4.82 -25.91 -8.98
C PHE A 118 6.11 -26.36 -9.68
N PRO A 119 7.28 -26.34 -9.01
CA PRO A 119 8.47 -26.54 -9.82
C PRO A 119 8.77 -27.96 -10.31
N VAL A 120 8.04 -28.96 -9.84
CA VAL A 120 8.31 -30.35 -10.26
C VAL A 120 7.42 -30.63 -11.44
N SER A 121 8.02 -31.16 -12.52
CA SER A 121 7.34 -31.44 -13.79
C SER A 121 6.79 -32.85 -13.88
N VAL A 122 5.64 -32.99 -14.55
CA VAL A 122 5.10 -34.31 -14.83
C VAL A 122 4.82 -34.44 -16.30
N LYS A 123 4.62 -35.69 -16.74
CA LYS A 123 4.43 -35.96 -18.18
C LYS A 123 3.25 -35.23 -18.82
N PRO A 124 3.44 -34.73 -20.05
CA PRO A 124 2.38 -34.07 -20.84
C PRO A 124 1.17 -34.95 -21.12
N GLY A 125 0.01 -34.33 -21.31
CA GLY A 125 -1.26 -35.02 -21.47
C GLY A 125 -2.38 -34.27 -20.75
N GLU A 126 -3.61 -34.73 -20.97
CA GLU A 126 -4.79 -34.15 -20.26
C GLU A 126 -4.73 -34.33 -18.71
N GLU A 127 -4.07 -35.39 -18.21
CA GLU A 127 -4.16 -35.75 -16.82
C GLU A 127 -3.26 -34.83 -16.05
N VAL A 128 -3.83 -34.23 -15.00
CA VAL A 128 -3.10 -33.31 -14.13
C VAL A 128 -2.04 -34.02 -13.28
N ILE A 129 -2.39 -35.21 -12.78
CA ILE A 129 -1.48 -36.06 -12.02
C ILE A 129 -1.39 -37.41 -12.78
N PRO A 130 -0.61 -37.45 -13.87
CA PRO A 130 -0.55 -38.65 -14.67
C PRO A 130 0.19 -39.73 -13.90
N LYS A 131 -0.36 -40.93 -13.96
CA LYS A 131 0.18 -42.09 -13.21
C LYS A 131 0.33 -43.29 -14.12
N ASP A 132 1.36 -44.09 -13.83
CA ASP A 132 1.57 -45.36 -14.55
C ASP A 132 0.59 -46.44 -14.02
N GLU A 133 0.67 -47.67 -14.55
CA GLU A 133 -0.32 -48.70 -14.28
C GLU A 133 -0.22 -49.14 -12.79
N ASN A 134 0.92 -48.86 -12.22
CA ASN A 134 1.19 -49.14 -10.85
C ASN A 134 1.02 -47.93 -9.91
N GLY A 135 0.38 -46.86 -10.39
CA GLY A 135 0.07 -45.69 -9.57
C GLY A 135 1.21 -44.75 -9.29
N LYS A 136 2.38 -44.92 -9.95
CA LYS A 136 3.53 -44.11 -9.71
C LYS A 136 3.27 -42.85 -10.51
N ILE A 137 3.53 -41.71 -9.91
CA ILE A 137 3.48 -40.44 -10.65
C ILE A 137 4.50 -40.42 -11.80
N LEU A 138 4.02 -40.04 -12.95
CA LEU A 138 4.90 -39.94 -14.13
C LEU A 138 5.67 -38.60 -14.20
N PHE A 139 6.83 -38.55 -13.55
CA PHE A 139 7.62 -37.34 -13.51
C PHE A 139 8.30 -37.15 -14.85
N ASP A 140 8.52 -35.89 -15.17
CA ASP A 140 9.16 -35.44 -16.41
C ASP A 140 10.39 -34.63 -16.04
N THR A 141 11.39 -34.63 -16.91
CA THR A 141 12.62 -33.88 -16.65
C THR A 141 12.60 -32.71 -17.59
N VAL A 142 12.55 -31.49 -17.05
CA VAL A 142 12.42 -30.28 -17.85
C VAL A 142 13.28 -29.20 -17.22
N ASP A 143 13.99 -28.46 -18.05
CA ASP A 143 14.76 -27.35 -17.52
C ASP A 143 13.82 -26.11 -17.27
N LEU A 144 13.59 -25.79 -16.01
CA LEU A 144 12.73 -24.65 -15.69
C LEU A 144 13.18 -23.30 -16.27
N CYS A 145 14.49 -23.14 -16.52
CA CYS A 145 14.94 -21.97 -17.24
C CYS A 145 14.37 -21.88 -18.68
N ALA A 146 14.22 -22.99 -19.39
CA ALA A 146 13.49 -22.94 -20.67
C ALA A 146 11.99 -22.74 -20.49
N THR A 147 11.45 -23.32 -19.42
CA THR A 147 10.05 -23.12 -19.15
C THR A 147 9.86 -21.59 -18.98
N TRP A 148 10.78 -20.94 -18.26
CA TRP A 148 10.68 -19.52 -18.00
C TRP A 148 10.85 -18.70 -19.27
N GLU A 149 11.77 -19.06 -20.13
CA GLU A 149 11.83 -18.38 -21.41
C GLU A 149 10.50 -18.41 -22.13
N ALA A 150 9.80 -19.53 -22.02
CA ALA A 150 8.54 -19.60 -22.78
C ALA A 150 7.46 -18.71 -22.08
N MET A 151 7.58 -18.54 -20.78
CA MET A 151 6.73 -17.60 -20.01
C MET A 151 7.01 -16.19 -20.48
N GLU A 152 8.28 -15.84 -20.58
CA GLU A 152 8.69 -14.53 -21.10
C GLU A 152 8.09 -14.25 -22.45
N LYS A 153 8.03 -15.22 -23.32
CA LYS A 153 7.43 -15.00 -24.62
C LYS A 153 5.94 -14.75 -24.59
N CYS A 154 5.25 -15.44 -23.68
CA CYS A 154 3.85 -15.20 -23.43
C CYS A 154 3.65 -13.75 -22.94
N LYS A 155 4.58 -13.20 -22.16
CA LYS A 155 4.52 -11.77 -21.72
C LYS A 155 4.72 -10.88 -22.94
N ASP A 156 5.77 -11.15 -23.69
CA ASP A 156 6.00 -10.37 -24.94
C ASP A 156 4.85 -10.41 -25.96
N ALA A 157 4.09 -11.47 -26.00
CA ALA A 157 2.90 -11.54 -26.84
C ALA A 157 1.68 -10.91 -26.27
N GLY A 158 1.75 -10.38 -25.03
CA GLY A 158 0.56 -9.70 -24.38
C GLY A 158 -0.49 -10.66 -23.83
N LEU A 159 -0.17 -11.95 -23.81
CA LEU A 159 -1.13 -12.94 -23.34
C LEU A 159 -1.18 -12.94 -21.80
N ALA A 160 -0.05 -12.61 -21.15
CA ALA A 160 0.09 -12.43 -19.72
C ALA A 160 0.73 -11.09 -19.55
N LYS A 161 0.10 -10.21 -18.76
CA LYS A 161 0.71 -8.96 -18.58
C LYS A 161 1.97 -9.09 -17.69
N SER A 162 1.92 -9.98 -16.69
CA SER A 162 3.06 -10.21 -15.84
C SER A 162 3.20 -11.74 -15.68
N ILE A 163 4.40 -12.15 -15.28
CA ILE A 163 4.70 -13.56 -15.04
C ILE A 163 5.45 -13.68 -13.75
N GLY A 164 5.26 -14.83 -13.10
CA GLY A 164 5.84 -15.05 -11.78
C GLY A 164 5.89 -16.52 -11.51
N VAL A 165 6.22 -16.86 -10.29
CA VAL A 165 6.32 -18.26 -9.90
C VAL A 165 5.50 -18.51 -8.63
N SER A 166 5.37 -19.80 -8.33
CA SER A 166 4.71 -20.25 -7.15
C SER A 166 5.41 -21.47 -6.60
N ASN A 167 5.50 -21.50 -5.27
CA ASN A 167 6.10 -22.63 -4.54
C ASN A 167 7.56 -22.85 -4.96
N PHE A 168 8.20 -21.77 -5.32
CA PHE A 168 9.66 -21.75 -5.42
C PHE A 168 10.34 -21.42 -4.11
N ASN A 169 11.50 -22.06 -3.93
CA ASN A 169 12.37 -21.82 -2.82
C ASN A 169 13.53 -20.91 -3.29
N HIS A 170 14.43 -20.57 -2.34
CA HIS A 170 15.57 -19.71 -2.61
C HIS A 170 16.43 -20.18 -3.79
N ARG A 171 16.87 -21.43 -3.75
CA ARG A 171 17.64 -22.00 -4.88
C ARG A 171 16.96 -21.88 -6.24
N LEU A 172 15.67 -22.23 -6.31
CA LEU A 172 14.96 -22.21 -7.60
C LEU A 172 14.73 -20.79 -8.11
N LEU A 173 14.49 -19.85 -7.20
CA LEU A 173 14.42 -18.43 -7.61
C LEU A 173 15.77 -17.96 -8.17
N GLU A 174 16.83 -18.26 -7.41
CA GLU A 174 18.17 -17.83 -7.86
C GLU A 174 18.48 -18.40 -9.23
N MET A 175 18.06 -19.63 -9.47
CA MET A 175 18.25 -20.29 -10.76
C MET A 175 17.65 -19.47 -11.87
N ILE A 176 16.46 -18.97 -11.62
CA ILE A 176 15.83 -18.06 -12.58
C ILE A 176 16.53 -16.69 -12.65
N LEU A 177 16.80 -16.10 -11.49
CA LEU A 177 17.37 -14.74 -11.46
C LEU A 177 18.77 -14.67 -12.11
N ASN A 178 19.52 -15.76 -11.95
CA ASN A 178 20.89 -15.82 -12.43
C ASN A 178 20.96 -16.40 -13.81
N LYS A 179 19.83 -16.70 -14.41
CA LYS A 179 19.78 -17.16 -15.78
C LYS A 179 20.38 -16.22 -16.81
N PRO A 180 21.31 -16.75 -17.65
CA PRO A 180 21.82 -15.96 -18.77
C PRO A 180 20.73 -15.57 -19.78
N GLY A 181 20.72 -14.29 -20.15
CA GLY A 181 19.81 -13.74 -21.12
C GLY A 181 18.45 -13.49 -20.49
N LEU A 182 18.39 -13.50 -19.17
CA LEU A 182 17.11 -13.26 -18.47
C LEU A 182 16.52 -11.95 -18.97
N LYS A 183 15.28 -11.99 -19.47
CA LYS A 183 14.55 -10.80 -19.86
C LYS A 183 13.62 -10.18 -18.77
N TYR A 184 12.84 -11.03 -18.08
CA TYR A 184 11.96 -10.58 -16.99
C TYR A 184 12.12 -11.38 -15.71
N LYS A 185 12.30 -10.69 -14.60
CA LYS A 185 12.29 -11.37 -13.33
C LYS A 185 10.87 -11.83 -13.06
N PRO A 186 10.71 -12.83 -12.21
CA PRO A 186 9.36 -13.10 -11.73
C PRO A 186 8.87 -11.89 -10.92
N VAL A 187 7.62 -11.49 -11.17
CA VAL A 187 7.03 -10.37 -10.37
C VAL A 187 6.70 -10.85 -8.93
N CYS A 188 6.46 -12.15 -8.77
CA CYS A 188 6.08 -12.68 -7.46
C CYS A 188 6.53 -14.11 -7.26
N ASN A 189 6.44 -14.52 -6.01
CA ASN A 189 6.48 -15.92 -5.61
C ASN A 189 5.31 -16.21 -4.66
N GLN A 190 4.32 -16.95 -5.16
CA GLN A 190 3.12 -17.25 -4.41
C GLN A 190 3.40 -18.51 -3.62
N VAL A 191 3.33 -18.41 -2.30
CA VAL A 191 3.66 -19.50 -1.40
C VAL A 191 2.76 -19.48 -0.17
N GLU A 192 2.72 -20.61 0.53
CA GLU A 192 2.04 -20.67 1.83
C GLU A 192 2.58 -19.66 2.80
N CYS A 193 1.72 -18.92 3.49
CA CYS A 193 2.26 -17.95 4.43
C CYS A 193 1.15 -17.48 5.32
N HIS A 194 1.44 -17.46 6.61
CA HIS A 194 0.45 -17.24 7.69
C HIS A 194 1.22 -17.20 9.00
N PRO A 195 0.55 -16.84 10.09
CA PRO A 195 1.29 -16.63 11.35
C PRO A 195 2.00 -17.85 11.93
N TYR A 196 1.61 -19.05 11.51
CA TYR A 196 2.36 -20.27 11.99
C TYR A 196 3.51 -20.70 11.05
N PHE A 197 3.62 -19.97 9.93
CA PHE A 197 4.67 -20.17 8.94
C PHE A 197 4.92 -18.87 8.20
N ASN A 198 5.59 -17.92 8.84
CA ASN A 198 5.51 -16.53 8.38
C ASN A 198 6.50 -16.21 7.29
N GLN A 199 7.35 -17.21 6.98
CA GLN A 199 8.31 -17.11 5.87
C GLN A 199 9.21 -15.89 5.89
N ARG A 200 9.60 -15.42 7.06
CA ARG A 200 10.37 -14.21 7.18
C ARG A 200 11.57 -14.31 6.30
N LYS A 201 12.25 -15.45 6.36
CA LYS A 201 13.52 -15.59 5.62
C LYS A 201 13.31 -15.39 4.11
N LEU A 202 12.30 -16.03 3.54
CA LEU A 202 12.07 -15.99 2.11
C LEU A 202 11.47 -14.68 1.72
N LEU A 203 10.59 -14.18 2.58
CA LEU A 203 10.11 -12.80 2.40
C LEU A 203 11.23 -11.79 2.23
N ASP A 204 12.19 -11.78 3.16
CA ASP A 204 13.31 -10.84 3.09
C ASP A 204 14.09 -11.02 1.79
N PHE A 205 14.35 -12.28 1.42
CA PHE A 205 14.95 -12.56 0.13
C PHE A 205 14.18 -11.95 -1.05
N CYS A 206 12.88 -12.21 -1.13
CA CYS A 206 12.08 -11.67 -2.24
C CYS A 206 12.12 -10.15 -2.25
N LYS A 207 12.05 -9.55 -1.05
CA LYS A 207 12.14 -8.07 -0.98
C LYS A 207 13.46 -7.58 -1.54
N SER A 208 14.56 -8.24 -1.18
CA SER A 208 15.93 -7.81 -1.62
C SER A 208 16.02 -7.83 -3.14
N LYS A 209 15.11 -8.52 -3.82
CA LYS A 209 15.11 -8.66 -5.26
C LYS A 209 13.89 -8.02 -5.88
N ASP A 210 13.13 -7.29 -5.04
CA ASP A 210 11.87 -6.68 -5.43
C ASP A 210 10.84 -7.65 -6.03
N ILE A 211 10.70 -8.80 -5.39
CA ILE A 211 9.77 -9.79 -5.84
C ILE A 211 8.74 -9.75 -4.74
N VAL A 212 7.47 -9.74 -5.13
CA VAL A 212 6.37 -9.71 -4.16
C VAL A 212 6.08 -11.14 -3.67
N LEU A 213 6.05 -11.35 -2.36
CA LEU A 213 5.53 -12.62 -1.86
C LEU A 213 4.00 -12.53 -1.80
N VAL A 214 3.30 -13.41 -2.54
CA VAL A 214 1.83 -13.57 -2.42
C VAL A 214 1.50 -14.75 -1.51
N ALA A 215 0.74 -14.51 -0.44
CA ALA A 215 0.47 -15.52 0.59
C ALA A 215 -0.79 -16.29 0.27
N TYR A 216 -0.63 -17.60 0.14
CA TYR A 216 -1.73 -18.47 0.15
C TYR A 216 -1.88 -19.23 1.44
N SER A 217 -3.07 -19.81 1.63
CA SER A 217 -3.46 -20.40 2.92
C SER A 217 -3.15 -19.45 4.06
N ALA A 218 -3.38 -18.18 3.83
CA ALA A 218 -3.12 -17.16 4.84
C ALA A 218 -4.08 -17.33 6.03
N LEU A 219 -5.22 -18.00 5.79
CA LEU A 219 -6.18 -18.29 6.91
C LEU A 219 -6.05 -19.69 7.48
N GLY A 220 -4.94 -20.37 7.15
CA GLY A 220 -4.64 -21.71 7.65
C GLY A 220 -5.09 -22.87 6.77
N SER A 221 -5.48 -22.56 5.54
CA SER A 221 -5.87 -23.57 4.51
C SER A 221 -7.28 -24.23 4.63
N HIS A 222 -7.75 -24.80 3.49
CA HIS A 222 -8.89 -25.75 3.40
C HIS A 222 -8.95 -26.84 4.54
N ARG A 223 -7.77 -27.22 5.05
CA ARG A 223 -7.55 -28.43 5.90
C ARG A 223 -8.17 -29.73 5.30
N GLU A 224 -8.02 -29.85 3.99
CA GLU A 224 -8.60 -30.93 3.19
C GLU A 224 -7.69 -32.14 3.19
N GLU A 225 -8.22 -33.32 3.50
CA GLU A 225 -7.41 -34.54 3.53
C GLU A 225 -7.47 -35.17 2.13
N PRO A 226 -6.34 -35.77 1.65
CA PRO A 226 -5.13 -36.05 2.42
C PRO A 226 -4.07 -34.91 2.42
N TRP A 227 -4.27 -33.82 1.65
CA TRP A 227 -3.24 -32.75 1.48
C TRP A 227 -2.72 -32.11 2.79
N VAL A 228 -3.59 -32.06 3.82
CA VAL A 228 -3.26 -31.45 5.12
C VAL A 228 -3.53 -32.42 6.26
N ASP A 229 -2.53 -32.54 7.13
CA ASP A 229 -2.61 -33.40 8.29
C ASP A 229 -3.67 -32.87 9.27
N PRO A 230 -4.76 -33.65 9.53
CA PRO A 230 -5.82 -33.12 10.39
C PRO A 230 -5.39 -32.95 11.84
N ASN A 231 -4.21 -33.49 12.19
CA ASN A 231 -3.55 -33.19 13.48
C ASN A 231 -2.96 -31.78 13.59
N SER A 232 -2.59 -31.18 12.46
CA SER A 232 -1.92 -29.87 12.50
C SER A 232 -2.80 -28.87 13.28
N PRO A 233 -2.17 -27.87 13.95
CA PRO A 233 -2.98 -26.88 14.72
C PRO A 233 -3.93 -26.02 13.82
N VAL A 234 -5.04 -25.55 14.39
CA VAL A 234 -6.03 -24.75 13.66
C VAL A 234 -5.63 -23.29 13.77
N LEU A 235 -5.18 -22.69 12.67
CA LEU A 235 -4.67 -21.33 12.76
C LEU A 235 -5.69 -20.41 13.43
N LEU A 236 -6.94 -20.45 12.96
CA LEU A 236 -7.90 -19.41 13.37
C LEU A 236 -8.35 -19.54 14.81
N GLU A 237 -7.99 -20.67 15.42
CA GLU A 237 -8.26 -20.94 16.81
C GLU A 237 -7.14 -20.45 17.71
N ASP A 238 -6.12 -19.80 17.19
CA ASP A 238 -5.02 -19.37 18.05
C ASP A 238 -5.52 -18.35 19.09
N PRO A 239 -5.10 -18.51 20.36
CA PRO A 239 -5.58 -17.59 21.42
C PRO A 239 -5.13 -16.14 21.24
N VAL A 240 -3.91 -15.95 20.76
CA VAL A 240 -3.42 -14.57 20.51
C VAL A 240 -4.17 -13.86 19.37
N LEU A 241 -4.41 -14.58 18.29
CA LEU A 241 -5.25 -14.03 17.21
C LEU A 241 -6.67 -13.74 17.68
N CYS A 242 -7.22 -14.65 18.49
CA CYS A 242 -8.59 -14.52 18.97
C CYS A 242 -8.68 -13.37 19.97
N ALA A 243 -7.63 -13.16 20.75
CA ALA A 243 -7.57 -12.01 21.67
C ALA A 243 -7.47 -10.70 20.89
N LEU A 244 -6.61 -10.70 19.89
CA LEU A 244 -6.47 -9.52 19.05
C LEU A 244 -7.80 -9.20 18.38
N ALA A 245 -8.48 -10.22 17.89
CA ALA A 245 -9.75 -10.03 17.19
C ALA A 245 -10.75 -9.39 18.14
N LYS A 246 -10.85 -9.91 19.38
CA LYS A 246 -11.82 -9.41 20.32
C LYS A 246 -11.53 -7.96 20.64
N LYS A 247 -10.26 -7.63 20.82
CA LYS A 247 -9.84 -6.28 21.14
C LYS A 247 -10.20 -5.28 20.02
N HIS A 248 -10.11 -5.66 18.75
CA HIS A 248 -10.34 -4.72 17.65
C HIS A 248 -11.77 -4.88 17.13
N LYS A 249 -12.57 -5.73 17.75
CA LYS A 249 -13.93 -6.05 17.26
C LYS A 249 -13.89 -6.53 15.82
N ARG A 250 -12.98 -7.45 15.56
CA ARG A 250 -12.78 -8.02 14.22
C ARG A 250 -12.78 -9.55 14.38
N THR A 251 -12.16 -10.28 13.47
CA THR A 251 -12.10 -11.72 13.55
C THR A 251 -10.67 -12.19 13.45
N PRO A 252 -10.40 -13.41 13.95
CA PRO A 252 -9.01 -13.87 13.77
C PRO A 252 -8.58 -13.86 12.31
N ALA A 253 -9.51 -14.18 11.39
CA ALA A 253 -9.18 -14.15 9.97
C ALA A 253 -8.71 -12.76 9.53
N LEU A 254 -9.42 -11.71 9.95
CA LEU A 254 -9.03 -10.36 9.59
C LEU A 254 -7.67 -9.99 10.18
N ILE A 255 -7.37 -10.45 11.36
CA ILE A 255 -6.10 -10.09 11.99
C ILE A 255 -4.96 -10.67 11.16
N ALA A 256 -5.12 -11.94 10.83
CA ALA A 256 -4.17 -12.70 10.02
C ALA A 256 -3.97 -12.10 8.62
N LEU A 257 -5.06 -11.67 7.98
CA LEU A 257 -4.93 -10.92 6.73
C LEU A 257 -4.22 -9.59 6.91
N ARG A 258 -4.56 -8.81 7.95
CA ARG A 258 -3.97 -7.49 8.12
C ARG A 258 -2.47 -7.59 8.38
N TYR A 259 -2.11 -8.64 9.12
CA TYR A 259 -0.72 -8.93 9.45
C TYR A 259 0.12 -8.96 8.18
N GLN A 260 -0.41 -9.68 7.16
CA GLN A 260 0.33 -9.82 5.92
C GLN A 260 0.40 -8.47 5.22
N LEU A 261 -0.72 -7.79 5.08
CA LEU A 261 -0.64 -6.52 4.42
C LEU A 261 0.42 -5.61 5.00
N GLN A 262 0.49 -5.51 6.33
CA GLN A 262 1.45 -4.59 6.93
C GLN A 262 2.93 -5.00 6.79
N ARG A 263 3.17 -6.29 6.54
CA ARG A 263 4.53 -6.76 6.37
C ARG A 263 4.98 -6.75 4.96
N GLY A 264 4.09 -6.33 4.09
CA GLY A 264 4.46 -6.04 2.71
C GLY A 264 4.09 -7.22 1.81
N VAL A 265 3.26 -8.13 2.31
CA VAL A 265 2.84 -9.28 1.55
C VAL A 265 1.47 -9.04 0.90
N VAL A 266 1.29 -9.46 -0.34
CA VAL A 266 -0.04 -9.57 -0.95
C VAL A 266 -0.72 -10.86 -0.49
N VAL A 267 -1.98 -10.73 -0.08
CA VAL A 267 -2.66 -11.79 0.62
C VAL A 267 -3.93 -12.27 -0.10
N LEU A 268 -4.08 -13.59 -0.23
CA LEU A 268 -5.24 -14.21 -0.80
C LEU A 268 -6.12 -14.69 0.33
N ALA A 269 -7.41 -14.64 0.08
CA ALA A 269 -8.35 -15.16 1.05
C ALA A 269 -9.37 -15.90 0.23
N LYS A 270 -9.58 -17.18 0.52
CA LYS A 270 -10.71 -17.88 -0.06
C LYS A 270 -11.91 -17.95 0.88
N SER A 271 -13.11 -17.67 0.36
CA SER A 271 -14.33 -17.99 1.07
C SER A 271 -15.44 -18.11 0.03
N TYR A 272 -16.35 -19.06 0.21
CA TYR A 272 -17.47 -19.20 -0.73
C TYR A 272 -18.73 -18.77 0.01
N ASN A 273 -18.53 -18.20 1.19
CA ASN A 273 -19.63 -17.80 2.05
C ASN A 273 -19.86 -16.28 1.93
N GLU A 274 -21.09 -15.86 1.63
CA GLU A 274 -21.38 -14.45 1.33
C GLU A 274 -20.90 -13.52 2.43
N GLN A 275 -21.19 -13.86 3.68
CA GLN A 275 -20.83 -13.00 4.84
C GLN A 275 -19.28 -12.91 5.06
N ARG A 276 -18.56 -14.02 4.85
CA ARG A 276 -17.10 -14.02 5.10
C ARG A 276 -16.39 -13.33 3.94
N ILE A 277 -16.95 -13.44 2.75
CA ILE A 277 -16.42 -12.70 1.59
C ILE A 277 -16.50 -11.18 1.87
N ARG A 278 -17.66 -10.68 2.26
CA ARG A 278 -17.79 -9.27 2.60
C ARG A 278 -16.90 -8.89 3.79
N GLN A 279 -16.78 -9.77 4.77
CA GLN A 279 -16.00 -9.48 5.95
C GLN A 279 -14.51 -9.32 5.62
N ASN A 280 -14.02 -10.10 4.66
CA ASN A 280 -12.58 -10.11 4.41
C ASN A 280 -12.08 -8.74 3.86
N VAL A 281 -12.90 -8.03 3.09
CA VAL A 281 -12.51 -6.70 2.58
C VAL A 281 -12.40 -5.66 3.70
N GLN A 282 -12.84 -5.97 4.93
CA GLN A 282 -12.66 -5.05 6.08
C GLN A 282 -11.23 -5.01 6.56
N VAL A 283 -10.37 -5.82 5.95
CA VAL A 283 -8.92 -5.71 6.25
C VAL A 283 -8.37 -4.29 6.02
N PHE A 284 -9.06 -3.50 5.17
CA PHE A 284 -8.67 -2.12 4.89
C PHE A 284 -9.20 -1.10 5.88
N GLU A 285 -9.93 -1.58 6.90
CA GLU A 285 -10.65 -0.69 7.83
C GLU A 285 -9.95 -0.50 9.14
N PHE A 286 -8.92 -1.29 9.41
CA PHE A 286 -8.22 -1.07 10.70
C PHE A 286 -6.72 -1.30 10.47
N GLN A 287 -5.93 -1.02 11.47
CA GLN A 287 -4.50 -1.25 11.44
C GLN A 287 -4.01 -1.80 12.75
N LEU A 288 -2.84 -2.45 12.69
CA LEU A 288 -2.26 -3.08 13.86
C LEU A 288 -1.04 -2.28 14.32
N THR A 289 -0.82 -2.16 15.63
CA THR A 289 0.38 -1.49 16.19
C THR A 289 1.67 -2.31 16.02
N SER A 290 2.82 -1.69 16.27
CA SER A 290 4.09 -2.42 16.26
C SER A 290 4.07 -3.58 17.29
N GLU A 291 3.47 -3.34 18.45
CA GLU A 291 3.38 -4.39 19.49
C GLU A 291 2.47 -5.55 19.05
N GLU A 292 1.39 -5.24 18.34
CA GLU A 292 0.51 -6.25 17.89
C GLU A 292 1.18 -7.13 16.82
N MET A 293 1.89 -6.49 15.92
CA MET A 293 2.61 -7.14 14.84
C MET A 293 3.69 -8.04 15.40
N LYS A 294 4.44 -7.57 16.37
CA LYS A 294 5.40 -8.42 17.08
C LYS A 294 4.79 -9.65 17.76
N ALA A 295 3.62 -9.50 18.40
CA ALA A 295 2.92 -10.63 18.98
C ALA A 295 2.64 -11.68 17.88
N ILE A 296 2.22 -11.22 16.73
CA ILE A 296 1.89 -12.15 15.64
C ILE A 296 3.15 -12.84 15.11
N ASP A 297 4.25 -12.07 14.98
CA ASP A 297 5.56 -12.62 14.65
C ASP A 297 5.93 -13.72 15.61
N GLY A 298 5.61 -13.57 16.88
CA GLY A 298 5.91 -14.64 17.86
C GLY A 298 5.13 -15.94 17.72
N LEU A 299 4.03 -15.95 16.96
CA LEU A 299 3.28 -17.20 16.78
C LEU A 299 3.98 -18.24 15.86
N ASN A 300 5.02 -17.78 15.13
CA ASN A 300 5.68 -18.58 14.14
C ASN A 300 6.18 -19.91 14.65
N ARG A 301 5.73 -20.99 14.03
CA ARG A 301 6.13 -22.28 14.53
C ARG A 301 6.57 -23.23 13.46
N ASN A 302 6.99 -22.70 12.34
CA ASN A 302 7.41 -23.56 11.27
C ASN A 302 6.39 -24.71 10.85
N VAL A 303 5.08 -24.46 10.96
CA VAL A 303 4.04 -25.43 10.54
C VAL A 303 3.75 -25.21 9.06
N ARG A 304 4.23 -26.10 8.20
CA ARG A 304 3.80 -26.05 6.79
C ARG A 304 2.61 -26.96 6.54
N TYR A 305 1.46 -26.39 6.21
CA TYR A 305 0.24 -27.17 5.96
C TYR A 305 0.23 -27.90 4.64
N LEU A 306 0.79 -27.29 3.59
CA LEU A 306 0.71 -27.81 2.25
C LEU A 306 2.08 -28.29 1.78
N THR A 307 2.31 -29.59 1.87
CA THR A 307 3.61 -30.16 1.44
C THR A 307 3.55 -30.72 0.00
N LEU A 308 2.38 -31.04 -0.51
CA LEU A 308 2.30 -31.72 -1.79
C LEU A 308 3.36 -32.84 -1.94
N ASP A 309 3.42 -33.74 -0.97
CA ASP A 309 4.62 -34.59 -0.94
C ASP A 309 4.51 -35.79 -1.88
N ILE A 310 3.38 -35.89 -2.58
CA ILE A 310 3.28 -36.82 -3.69
C ILE A 310 4.28 -36.42 -4.78
N PHE A 311 4.70 -35.14 -4.79
CA PHE A 311 5.72 -34.72 -5.75
C PHE A 311 7.15 -34.70 -5.21
N ALA A 312 7.32 -35.23 -4.02
CA ALA A 312 8.65 -35.34 -3.39
C ALA A 312 9.48 -36.38 -4.13
N GLY A 313 10.79 -36.18 -4.20
CA GLY A 313 11.70 -37.18 -4.80
C GLY A 313 12.60 -36.50 -5.81
N PRO A 314 11.99 -35.96 -6.87
CA PRO A 314 12.78 -35.22 -7.87
C PRO A 314 13.59 -34.08 -7.26
N PRO A 315 14.73 -33.71 -7.87
CA PRO A 315 15.55 -32.60 -7.32
C PRO A 315 14.78 -31.26 -7.15
N ASN A 316 13.81 -30.98 -8.01
CA ASN A 316 13.12 -29.68 -7.96
C ASN A 316 12.00 -29.54 -6.92
N TYR A 317 11.74 -30.59 -6.17
CA TYR A 317 10.79 -30.53 -5.08
C TYR A 317 11.30 -29.46 -4.14
N PRO A 318 10.47 -28.48 -3.82
CA PRO A 318 11.01 -27.28 -3.17
C PRO A 318 11.09 -27.29 -1.64
N PHE A 319 10.47 -28.25 -0.99
CA PHE A 319 10.39 -28.29 0.46
C PHE A 319 11.25 -29.49 0.90
N SER B 3 -1.09 4.98 -14.87
CA SER B 3 -2.59 4.97 -14.69
C SER B 3 -3.12 4.43 -13.32
N LYS B 4 -2.54 3.33 -12.81
CA LYS B 4 -2.70 2.92 -11.40
C LYS B 4 -1.53 3.44 -10.58
N TYR B 5 -1.68 3.52 -9.27
CA TYR B 5 -0.64 4.04 -8.37
C TYR B 5 -1.02 3.65 -6.92
N GLN B 6 -0.05 3.63 -6.00
N GLN B 6 -0.04 3.58 -6.01
CA GLN B 6 -0.30 3.09 -4.67
CA GLN B 6 -0.34 3.09 -4.66
C GLN B 6 -1.02 4.10 -3.74
C GLN B 6 -1.08 4.14 -3.85
N CYS B 7 -2.23 3.71 -3.33
CA CYS B 7 -3.06 4.48 -2.41
C CYS B 7 -3.35 3.67 -1.16
N VAL B 8 -3.74 4.36 -0.10
CA VAL B 8 -4.25 3.74 1.13
C VAL B 8 -5.69 4.19 1.37
N LYS B 9 -6.49 3.31 1.94
CA LYS B 9 -7.88 3.64 2.23
C LYS B 9 -7.97 4.43 3.53
N LEU B 10 -8.56 5.61 3.52
CA LEU B 10 -8.72 6.42 4.72
C LEU B 10 -9.97 6.00 5.48
N ASN B 11 -10.09 6.49 6.70
CA ASN B 11 -11.21 6.06 7.55
C ASN B 11 -12.58 6.62 7.12
N ASP B 12 -12.62 7.50 6.12
CA ASP B 12 -13.88 7.90 5.56
C ASP B 12 -14.24 7.25 4.25
N GLY B 13 -13.51 6.23 3.83
CA GLY B 13 -13.78 5.58 2.57
C GLY B 13 -12.98 6.14 1.40
N HIS B 14 -12.46 7.34 1.49
CA HIS B 14 -11.62 7.90 0.40
C HIS B 14 -10.22 7.31 0.35
N PHE B 15 -9.47 7.55 -0.72
CA PHE B 15 -8.17 6.98 -0.93
C PHE B 15 -7.10 8.05 -1.12
N MET B 16 -5.96 7.88 -0.42
CA MET B 16 -4.88 8.81 -0.47
C MET B 16 -3.66 8.13 -1.09
N PRO B 17 -3.10 8.71 -2.14
CA PRO B 17 -1.79 8.28 -2.64
C PRO B 17 -0.70 8.36 -1.59
N VAL B 18 0.06 7.26 -1.49
CA VAL B 18 1.01 7.13 -0.38
C VAL B 18 2.30 7.95 -0.52
N LEU B 19 2.53 8.46 -1.68
CA LEU B 19 3.61 9.46 -1.92
C LEU B 19 2.97 10.77 -2.40
N GLY B 20 3.23 11.81 -1.66
CA GLY B 20 2.86 13.17 -2.10
C GLY B 20 4.02 14.12 -2.23
N PHE B 21 3.73 15.18 -2.97
CA PHE B 21 4.67 16.20 -3.32
C PHE B 21 4.42 17.44 -2.47
N GLY B 22 5.38 17.84 -1.64
CA GLY B 22 5.32 19.07 -0.87
C GLY B 22 5.59 20.28 -1.74
N THR B 23 4.98 21.41 -1.41
CA THR B 23 5.07 22.57 -2.29
C THR B 23 5.59 23.81 -1.61
N TYR B 24 5.86 23.73 -0.31
CA TYR B 24 6.37 24.91 0.37
C TYR B 24 7.79 25.21 -0.07
N ALA B 25 8.05 26.47 -0.41
CA ALA B 25 9.41 26.90 -0.68
C ALA B 25 9.61 28.24 0.00
N PRO B 26 10.83 28.54 0.47
CA PRO B 26 10.91 29.80 1.23
C PRO B 26 10.53 31.03 0.37
N ALA B 27 10.20 32.14 1.02
CA ALA B 27 9.63 33.29 0.33
C ALA B 27 10.58 33.88 -0.73
N GLU B 28 11.89 33.71 -0.55
CA GLU B 28 12.84 34.22 -1.53
C GLU B 28 12.83 33.42 -2.87
N VAL B 29 12.34 32.18 -2.89
CA VAL B 29 12.19 31.48 -4.19
C VAL B 29 10.97 32.09 -4.89
N PRO B 30 11.10 32.52 -6.15
CA PRO B 30 9.89 33.06 -6.83
C PRO B 30 8.72 32.09 -6.80
N LYS B 31 7.53 32.59 -6.48
CA LYS B 31 6.31 31.79 -6.54
C LYS B 31 6.14 31.06 -7.87
N SER B 32 6.68 31.59 -8.96
CA SER B 32 6.59 30.87 -10.27
C SER B 32 7.34 29.52 -10.30
N LYS B 33 8.31 29.33 -9.42
CA LYS B 33 9.00 28.03 -9.32
C LYS B 33 8.04 26.93 -8.81
N ALA B 34 7.07 27.28 -7.97
CA ALA B 34 6.12 26.30 -7.50
C ALA B 34 5.28 25.80 -8.67
N LEU B 35 4.92 26.71 -9.59
CA LEU B 35 4.14 26.32 -10.79
C LEU B 35 4.83 25.23 -11.59
N GLU B 36 6.15 25.44 -11.80
CA GLU B 36 6.91 24.56 -12.68
C GLU B 36 7.16 23.23 -11.92
N ALA B 37 7.43 23.33 -10.61
CA ALA B 37 7.70 22.16 -9.80
C ALA B 37 6.54 21.17 -9.72
N VAL B 38 5.34 21.70 -9.55
CA VAL B 38 4.14 20.82 -9.52
C VAL B 38 3.85 20.17 -10.87
N LYS B 39 4.03 20.91 -11.95
CA LYS B 39 3.81 20.32 -13.27
C LYS B 39 4.76 19.17 -13.49
N LEU B 40 6.02 19.36 -13.12
CA LEU B 40 7.04 18.32 -13.17
C LEU B 40 6.71 17.13 -12.26
N ALA B 41 6.22 17.42 -11.07
CA ALA B 41 5.88 16.35 -10.12
C ALA B 41 4.77 15.45 -10.70
N ILE B 42 3.78 16.07 -11.33
CA ILE B 42 2.72 15.34 -11.98
C ILE B 42 3.28 14.52 -13.12
N GLU B 43 4.07 15.13 -13.99
CA GLU B 43 4.65 14.39 -15.11
C GLU B 43 5.42 13.19 -14.66
N ALA B 44 6.10 13.29 -13.51
CA ALA B 44 6.88 12.19 -12.96
C ALA B 44 6.05 11.07 -12.29
N GLY B 45 4.76 11.32 -12.07
CA GLY B 45 3.84 10.32 -11.55
C GLY B 45 3.36 10.62 -10.15
N PHE B 46 3.64 11.79 -9.61
CA PHE B 46 3.04 12.10 -8.26
C PHE B 46 1.55 12.31 -8.46
N HIS B 47 0.73 11.77 -7.55
CA HIS B 47 -0.71 11.90 -7.69
C HIS B 47 -1.30 12.59 -6.47
N HIS B 48 -0.44 13.08 -5.59
CA HIS B 48 -0.83 13.71 -4.35
C HIS B 48 0.04 14.92 -4.20
N ILE B 49 -0.61 16.08 -4.01
CA ILE B 49 0.03 17.35 -3.98
C ILE B 49 -0.43 18.04 -2.68
N ASP B 50 0.53 18.53 -1.92
CA ASP B 50 0.32 19.15 -0.60
C ASP B 50 0.68 20.64 -0.56
N SER B 51 -0.34 21.44 -0.28
CA SER B 51 -0.12 22.85 -0.04
C SER B 51 -0.88 23.32 1.19
N ALA B 52 -1.09 24.64 1.26
CA ALA B 52 -1.60 25.30 2.47
C ALA B 52 -1.83 26.75 2.13
N HIS B 53 -2.82 27.37 2.76
CA HIS B 53 -2.98 28.84 2.62
C HIS B 53 -1.66 29.59 2.85
N VAL B 54 -0.99 29.21 3.92
CA VAL B 54 0.12 29.99 4.46
C VAL B 54 1.36 29.89 3.51
N TYR B 55 1.41 28.92 2.58
CA TYR B 55 2.56 28.76 1.66
C TYR B 55 2.54 29.85 0.62
N ASN B 56 1.42 30.55 0.51
CA ASN B 56 1.29 31.62 -0.46
C ASN B 56 1.55 31.17 -1.92
N ASN B 57 1.12 29.96 -2.28
CA ASN B 57 1.31 29.48 -3.62
C ASN B 57 0.13 28.80 -4.28
N GLU B 58 -1.07 28.84 -3.68
CA GLU B 58 -2.19 28.08 -4.27
C GLU B 58 -2.59 28.57 -5.63
N GLU B 59 -2.43 29.87 -5.86
CA GLU B 59 -2.65 30.35 -7.21
C GLU B 59 -1.81 29.53 -8.25
N GLN B 60 -0.54 29.39 -7.97
CA GLN B 60 0.40 28.77 -8.88
C GLN B 60 0.23 27.26 -8.85
N VAL B 61 -0.06 26.72 -7.66
CA VAL B 61 -0.18 25.30 -7.56
C VAL B 61 -1.44 24.90 -8.28
N GLY B 62 -2.51 25.70 -8.15
CA GLY B 62 -3.76 25.35 -8.84
C GLY B 62 -3.64 25.43 -10.35
N LEU B 63 -2.87 26.41 -10.81
CA LEU B 63 -2.65 26.58 -12.25
C LEU B 63 -1.95 25.36 -12.85
N ALA B 64 -0.93 24.88 -12.14
CA ALA B 64 -0.19 23.66 -12.52
C ALA B 64 -1.14 22.50 -12.66
N ILE B 65 -1.92 22.28 -11.63
CA ILE B 65 -2.85 21.18 -11.65
C ILE B 65 -3.83 21.36 -12.79
N ARG B 66 -4.41 22.55 -12.92
CA ARG B 66 -5.48 22.75 -13.92
C ARG B 66 -4.92 22.62 -15.31
N SER B 67 -3.66 23.01 -15.49
CA SER B 67 -3.11 22.98 -16.84
C SER B 67 -2.76 21.53 -17.20
N LYS B 68 -2.31 20.74 -16.22
CA LYS B 68 -2.10 19.31 -16.42
C LYS B 68 -3.37 18.51 -16.60
N ILE B 69 -4.50 19.02 -16.11
CA ILE B 69 -5.81 18.45 -16.45
C ILE B 69 -6.14 18.85 -17.85
N ALA B 70 -6.22 20.17 -18.10
CA ALA B 70 -6.47 20.73 -19.45
C ALA B 70 -5.76 20.00 -20.62
N ASP B 71 -4.49 19.65 -20.45
CA ASP B 71 -3.70 18.94 -21.49
C ASP B 71 -3.76 17.38 -21.46
N GLY B 72 -4.74 16.81 -20.75
CA GLY B 72 -4.96 15.35 -20.69
C GLY B 72 -3.85 14.53 -20.02
N SER B 73 -2.84 15.21 -19.49
CA SER B 73 -1.78 14.60 -18.71
C SER B 73 -2.33 13.84 -17.45
N VAL B 74 -3.43 14.32 -16.87
CA VAL B 74 -4.03 13.72 -15.66
C VAL B 74 -5.50 14.13 -15.54
N LYS B 75 -6.32 13.28 -14.93
CA LYS B 75 -7.72 13.69 -14.60
C LYS B 75 -7.83 14.21 -13.14
N ARG B 76 -8.86 14.99 -12.89
CA ARG B 76 -9.08 15.62 -11.54
C ARG B 76 -9.21 14.53 -10.49
N GLU B 77 -9.89 13.44 -10.84
CA GLU B 77 -10.10 12.30 -9.91
C GLU B 77 -8.82 11.57 -9.60
N ASP B 78 -7.74 11.84 -10.37
CA ASP B 78 -6.46 11.24 -10.16
C ASP B 78 -5.41 12.19 -9.58
N ILE B 79 -5.88 13.31 -9.06
CA ILE B 79 -5.06 14.16 -8.26
C ILE B 79 -5.71 14.24 -6.90
N PHE B 80 -4.91 14.06 -5.85
CA PHE B 80 -5.33 14.19 -4.50
C PHE B 80 -4.65 15.46 -3.98
N TYR B 81 -5.46 16.51 -3.82
CA TYR B 81 -4.96 17.85 -3.41
C TYR B 81 -5.31 18.18 -1.98
N THR B 82 -4.29 18.48 -1.19
CA THR B 82 -4.42 18.91 0.17
C THR B 82 -4.21 20.43 0.36
N SER B 83 -5.15 21.04 1.10
CA SER B 83 -4.96 22.37 1.66
C SER B 83 -5.10 22.31 3.17
N LYS B 84 -4.76 23.44 3.82
CA LYS B 84 -4.64 23.54 5.22
C LYS B 84 -5.17 24.89 5.67
N LEU B 85 -6.03 24.80 6.66
CA LEU B 85 -6.56 25.93 7.41
C LEU B 85 -5.48 26.54 8.33
N TRP B 86 -5.15 27.81 8.08
CA TRP B 86 -4.22 28.57 8.91
C TRP B 86 -4.91 29.00 10.20
N SER B 87 -4.09 29.22 11.21
CA SER B 87 -4.50 29.45 12.57
C SER B 87 -5.19 30.79 12.82
N ASN B 88 -5.14 31.68 11.82
CA ASN B 88 -5.94 32.91 11.87
C ASN B 88 -7.41 32.69 11.48
N SER B 89 -7.77 31.46 11.07
CA SER B 89 -9.15 31.13 10.68
C SER B 89 -9.76 29.97 11.49
N HIS B 90 -9.28 29.78 12.71
CA HIS B 90 -9.88 28.70 13.54
C HIS B 90 -11.27 28.97 14.04
N ARG B 91 -11.67 30.25 14.15
CA ARG B 91 -12.97 30.52 14.71
C ARG B 91 -13.99 29.88 13.74
N PRO B 92 -15.04 29.27 14.27
CA PRO B 92 -15.90 28.41 13.43
C PRO B 92 -16.51 29.13 12.22
N GLU B 93 -16.95 30.38 12.41
CA GLU B 93 -17.45 31.19 11.31
C GLU B 93 -16.43 31.62 10.25
N LEU B 94 -15.16 31.35 10.46
CA LEU B 94 -14.11 31.75 9.54
C LEU B 94 -13.64 30.52 8.75
N VAL B 95 -14.01 29.30 9.15
CA VAL B 95 -13.38 28.09 8.56
C VAL B 95 -13.81 27.89 7.12
N ARG B 96 -15.12 27.90 6.87
CA ARG B 96 -15.55 27.74 5.45
C ARG B 96 -15.07 28.85 4.51
N PRO B 97 -15.11 30.16 4.89
CA PRO B 97 -14.57 31.24 4.09
C PRO B 97 -13.08 31.04 3.80
N ALA B 98 -12.30 30.47 4.72
CA ALA B 98 -10.88 30.26 4.44
C ALA B 98 -10.73 29.17 3.35
N LEU B 99 -11.54 28.16 3.44
CA LEU B 99 -11.52 27.06 2.44
C LEU B 99 -11.99 27.62 1.11
N GLU B 100 -13.07 28.39 1.15
CA GLU B 100 -13.59 29.00 -0.09
C GLU B 100 -12.54 29.91 -0.73
N ARG B 101 -11.71 30.57 0.04
CA ARG B 101 -10.68 31.48 -0.46
C ARG B 101 -9.57 30.69 -1.14
N SER B 102 -9.16 29.61 -0.50
CA SER B 102 -8.20 28.68 -1.11
C SER B 102 -8.70 28.14 -2.45
N LEU B 103 -9.94 27.72 -2.49
CA LEU B 103 -10.57 27.16 -3.68
C LEU B 103 -10.62 28.17 -4.80
N LYS B 104 -10.84 29.42 -4.41
CA LYS B 104 -10.93 30.51 -5.39
C LYS B 104 -9.55 30.79 -5.98
N ASN B 105 -8.51 30.79 -5.14
CA ASN B 105 -7.14 30.96 -5.59
C ASN B 105 -6.77 29.81 -6.50
N LEU B 106 -7.16 28.58 -6.12
CA LEU B 106 -6.84 27.33 -6.90
C LEU B 106 -7.66 27.22 -8.18
N GLN B 107 -8.81 27.92 -8.18
CA GLN B 107 -9.91 27.74 -9.14
C GLN B 107 -10.28 26.25 -9.29
N LEU B 108 -10.43 25.58 -8.15
CA LEU B 108 -10.97 24.22 -8.09
C LEU B 108 -12.24 24.23 -7.32
N ASP B 109 -13.05 23.20 -7.56
CA ASP B 109 -14.36 23.08 -6.92
C ASP B 109 -14.26 22.50 -5.52
N TYR B 110 -13.25 21.67 -5.31
CA TYR B 110 -13.06 21.02 -4.02
C TYR B 110 -11.60 20.65 -3.78
N VAL B 111 -11.25 20.46 -2.50
CA VAL B 111 -9.96 19.94 -2.16
C VAL B 111 -10.20 18.51 -1.76
N ASP B 112 -9.20 17.63 -1.98
CA ASP B 112 -9.35 16.27 -1.50
C ASP B 112 -9.22 16.15 -0.01
N LEU B 113 -8.44 17.05 0.56
CA LEU B 113 -8.14 17.03 1.99
C LEU B 113 -7.94 18.44 2.53
N TYR B 114 -8.53 18.69 3.67
CA TYR B 114 -8.40 19.96 4.37
C TYR B 114 -8.02 19.65 5.79
N LEU B 115 -6.87 20.19 6.19
CA LEU B 115 -6.34 19.99 7.53
C LEU B 115 -6.38 21.25 8.36
N ILE B 116 -6.58 21.09 9.65
CA ILE B 116 -6.18 22.11 10.59
C ILE B 116 -4.63 22.08 10.63
N HIS B 117 -4.03 23.17 10.23
CA HIS B 117 -2.58 23.19 9.97
C HIS B 117 -1.80 23.08 11.26
N PHE B 118 -2.22 23.82 12.27
CA PHE B 118 -1.49 23.98 13.52
C PHE B 118 -2.45 24.30 14.68
N PRO B 119 -2.32 23.59 15.81
CA PRO B 119 -3.43 23.67 16.80
C PRO B 119 -3.46 24.93 17.65
N VAL B 120 -2.46 25.79 17.56
CA VAL B 120 -2.47 27.08 18.25
C VAL B 120 -3.15 28.12 17.38
N SER B 121 -4.10 28.88 17.93
CA SER B 121 -4.84 29.87 17.20
C SER B 121 -4.17 31.24 17.33
N VAL B 122 -4.28 32.08 16.26
CA VAL B 122 -3.82 33.47 16.30
C VAL B 122 -4.95 34.40 15.87
N LYS B 123 -4.82 35.69 16.17
CA LYS B 123 -5.87 36.68 15.85
C LYS B 123 -6.24 36.73 14.38
N PRO B 124 -7.54 36.83 14.11
CA PRO B 124 -7.99 36.84 12.73
C PRO B 124 -7.54 38.12 12.03
N GLY B 125 -7.38 37.99 10.74
CA GLY B 125 -6.93 39.06 9.88
C GLY B 125 -5.99 38.52 8.83
N GLU B 126 -5.52 39.41 7.98
CA GLU B 126 -4.66 38.98 6.88
C GLU B 126 -3.31 38.42 7.31
N GLU B 127 -2.70 38.99 8.34
N GLU B 127 -2.70 39.01 8.34
CA GLU B 127 -1.37 38.54 8.67
CA GLU B 127 -1.36 38.59 8.78
C GLU B 127 -1.42 37.12 9.26
C GLU B 127 -1.43 37.13 9.27
N VAL B 128 -0.55 36.28 8.75
CA VAL B 128 -0.45 34.90 9.23
C VAL B 128 0.26 34.77 10.60
N ILE B 129 1.20 35.65 10.94
CA ILE B 129 1.77 35.68 12.26
C ILE B 129 1.69 37.09 12.85
N PRO B 130 0.55 37.43 13.36
CA PRO B 130 0.32 38.82 13.78
C PRO B 130 1.01 39.04 15.12
N LYS B 131 1.57 40.21 15.30
CA LYS B 131 2.38 40.53 16.50
C LYS B 131 1.94 41.84 17.06
N ASP B 132 2.11 41.98 18.37
CA ASP B 132 1.76 43.19 19.07
C ASP B 132 2.91 44.16 19.13
N GLU B 133 2.74 45.24 19.90
CA GLU B 133 3.67 46.38 19.94
C GLU B 133 5.03 45.98 20.54
N ASN B 134 5.04 44.97 21.39
CA ASN B 134 6.26 44.39 21.96
C ASN B 134 6.82 43.30 21.14
N GLY B 135 6.22 43.04 19.98
CA GLY B 135 6.77 42.02 19.08
C GLY B 135 6.41 40.57 19.46
N LYS B 136 5.41 40.41 20.31
CA LYS B 136 4.94 39.08 20.76
C LYS B 136 3.74 38.70 19.91
N ILE B 137 3.56 37.41 19.70
CA ILE B 137 2.43 36.94 18.91
C ILE B 137 1.08 37.21 19.53
N LEU B 138 0.16 37.60 18.66
CA LEU B 138 -1.22 37.90 19.01
C LEU B 138 -1.99 36.60 18.88
N PHE B 139 -1.82 35.80 19.91
CA PHE B 139 -2.51 34.55 20.02
C PHE B 139 -4.00 34.80 20.23
N ASP B 140 -4.79 33.83 19.82
CA ASP B 140 -6.24 33.88 20.07
C ASP B 140 -6.60 32.66 20.91
N THR B 141 -7.85 32.59 21.38
CA THR B 141 -8.39 31.41 22.10
C THR B 141 -9.65 30.90 21.30
N VAL B 142 -9.56 29.69 20.74
CA VAL B 142 -10.65 29.03 20.03
C VAL B 142 -10.73 27.54 20.45
N ASP B 143 -11.94 27.10 20.78
CA ASP B 143 -12.22 25.72 21.06
C ASP B 143 -12.05 24.92 19.78
N LEU B 144 -11.01 24.09 19.76
CA LEU B 144 -10.76 23.21 18.57
C LEU B 144 -11.89 22.28 18.21
N CYS B 145 -12.70 21.85 19.20
CA CYS B 145 -13.88 21.09 18.87
C CYS B 145 -14.86 21.90 18.00
N ALA B 146 -14.98 23.18 18.27
CA ALA B 146 -15.77 24.05 17.44
C ALA B 146 -15.16 24.19 16.04
N THR B 147 -13.85 24.35 15.96
CA THR B 147 -13.20 24.44 14.65
C THR B 147 -13.47 23.12 13.92
N TRP B 148 -13.37 21.96 14.62
CA TRP B 148 -13.59 20.66 13.99
C TRP B 148 -15.04 20.52 13.46
N GLU B 149 -16.02 20.96 14.23
CA GLU B 149 -17.41 20.92 13.74
C GLU B 149 -17.55 21.73 12.47
N ALA B 150 -16.83 22.83 12.38
CA ALA B 150 -16.88 23.66 11.18
C ALA B 150 -16.19 22.93 9.99
N MET B 151 -15.11 22.20 10.28
CA MET B 151 -14.46 21.34 9.23
C MET B 151 -15.44 20.29 8.76
N GLU B 152 -16.21 19.67 9.68
CA GLU B 152 -17.15 18.67 9.27
C GLU B 152 -18.18 19.20 8.30
N LYS B 153 -18.67 20.41 8.55
CA LYS B 153 -19.65 21.05 7.69
C LYS B 153 -19.05 21.29 6.29
N CYS B 154 -17.76 21.59 6.21
CA CYS B 154 -17.11 21.75 4.92
C CYS B 154 -17.13 20.45 4.15
N LYS B 155 -16.89 19.32 4.87
CA LYS B 155 -16.99 18.02 4.19
C LYS B 155 -18.39 17.73 3.73
N ASP B 156 -19.38 17.95 4.59
CA ASP B 156 -20.75 17.72 4.18
C ASP B 156 -21.18 18.62 3.04
N ALA B 157 -20.61 19.80 2.97
CA ALA B 157 -20.86 20.65 1.82
C ALA B 157 -20.15 20.25 0.54
N GLY B 158 -19.34 19.23 0.55
CA GLY B 158 -18.69 18.82 -0.68
C GLY B 158 -17.44 19.63 -1.04
N LEU B 159 -17.04 20.60 -0.21
CA LEU B 159 -15.89 21.45 -0.46
C LEU B 159 -14.54 20.78 -0.16
N ALA B 160 -14.57 19.84 0.80
CA ALA B 160 -13.46 19.01 1.14
C ALA B 160 -13.98 17.55 1.16
N LYS B 161 -13.29 16.68 0.46
CA LYS B 161 -13.68 15.31 0.39
C LYS B 161 -13.38 14.62 1.68
N SER B 162 -12.20 14.93 2.22
CA SER B 162 -11.81 14.45 3.51
C SER B 162 -11.24 15.59 4.40
N ILE B 163 -11.29 15.35 5.70
CA ILE B 163 -10.76 16.26 6.65
C ILE B 163 -9.77 15.64 7.61
N GLY B 164 -8.80 16.43 8.05
CA GLY B 164 -7.77 15.93 8.90
C GLY B 164 -7.09 16.97 9.74
N VAL B 165 -6.00 16.61 10.45
CA VAL B 165 -5.26 17.55 11.25
C VAL B 165 -3.75 17.44 10.93
N SER B 166 -3.04 18.42 11.42
CA SER B 166 -1.57 18.47 11.31
C SER B 166 -0.97 18.97 12.63
N ASN B 167 0.19 18.44 13.01
CA ASN B 167 0.87 18.92 14.21
C ASN B 167 0.07 18.70 15.53
N PHE B 168 -0.71 17.64 15.58
CA PHE B 168 -1.53 17.29 16.76
C PHE B 168 -0.76 16.24 17.51
N ASN B 169 -0.80 16.36 18.82
CA ASN B 169 -0.30 15.36 19.70
C ASN B 169 -1.41 14.45 20.19
N HIS B 170 -1.02 13.47 20.99
CA HIS B 170 -1.94 12.52 21.55
C HIS B 170 -3.14 13.21 22.25
N ARG B 171 -2.90 14.15 23.15
CA ARG B 171 -3.99 14.78 23.87
C ARG B 171 -4.97 15.46 22.92
N LEU B 172 -4.44 16.11 21.91
CA LEU B 172 -5.29 16.89 21.01
C LEU B 172 -6.09 15.97 20.07
N LEU B 173 -5.48 14.87 19.62
CA LEU B 173 -6.22 13.87 18.85
C LEU B 173 -7.40 13.33 19.67
N GLU B 174 -7.17 13.10 20.93
CA GLU B 174 -8.19 12.55 21.80
C GLU B 174 -9.32 13.52 21.99
N MET B 175 -8.95 14.80 22.07
CA MET B 175 -9.98 15.81 22.25
C MET B 175 -10.99 15.68 21.08
N ILE B 176 -10.47 15.49 19.88
CA ILE B 176 -11.35 15.38 18.70
C ILE B 176 -12.04 14.02 18.70
N LEU B 177 -11.25 12.94 18.89
CA LEU B 177 -11.83 11.59 18.86
C LEU B 177 -12.93 11.45 19.88
N ASN B 178 -12.76 12.09 21.04
CA ASN B 178 -13.77 11.97 22.12
C ASN B 178 -14.85 13.05 22.11
N LYS B 179 -14.85 13.91 21.12
CA LYS B 179 -15.81 15.00 21.06
C LYS B 179 -17.22 14.49 21.02
N PRO B 180 -18.10 15.06 21.83
CA PRO B 180 -19.47 14.62 21.76
C PRO B 180 -20.07 14.99 20.41
N GLY B 181 -20.79 14.01 19.88
CA GLY B 181 -21.50 14.10 18.59
C GLY B 181 -20.57 14.18 17.40
N LEU B 182 -19.33 13.72 17.52
CA LEU B 182 -18.36 13.71 16.42
C LEU B 182 -18.98 13.04 15.20
N LYS B 183 -18.85 13.67 14.05
CA LYS B 183 -19.36 13.08 12.83
C LYS B 183 -18.26 12.36 12.06
N TYR B 184 -17.09 12.99 11.97
CA TYR B 184 -15.97 12.46 11.15
C TYR B 184 -14.67 12.50 11.94
N LYS B 185 -13.98 11.35 12.02
CA LYS B 185 -12.67 11.34 12.60
C LYS B 185 -11.75 12.08 11.64
N PRO B 186 -10.66 12.65 12.17
CA PRO B 186 -9.60 13.05 11.22
C PRO B 186 -9.09 11.79 10.45
N VAL B 187 -8.85 11.95 9.16
CA VAL B 187 -8.34 10.84 8.33
C VAL B 187 -6.84 10.68 8.49
N CYS B 188 -6.21 11.75 8.97
CA CYS B 188 -4.77 11.78 9.11
C CYS B 188 -4.30 12.76 10.13
N ASN B 189 -3.02 12.60 10.44
CA ASN B 189 -2.31 13.59 11.23
C ASN B 189 -0.98 13.78 10.53
N GLN B 190 -0.83 14.92 9.92
CA GLN B 190 0.40 15.26 9.21
C GLN B 190 1.43 15.86 10.16
N VAL B 191 2.56 15.18 10.41
CA VAL B 191 3.54 15.62 11.41
C VAL B 191 4.96 15.40 10.92
N GLU B 192 5.91 15.97 11.64
CA GLU B 192 7.35 15.73 11.29
C GLU B 192 7.62 14.26 11.51
N CYS B 193 8.24 13.59 10.55
CA CYS B 193 8.63 12.17 10.75
C CYS B 193 9.77 11.77 9.81
N HIS B 194 10.79 11.17 10.40
CA HIS B 194 12.02 10.78 9.65
C HIS B 194 12.89 9.90 10.55
N PRO B 195 13.97 9.36 9.99
CA PRO B 195 14.72 8.41 10.82
C PRO B 195 15.38 8.95 12.10
N TYR B 196 15.64 10.26 12.21
CA TYR B 196 16.02 10.80 13.55
C TYR B 196 14.88 11.18 14.50
N PHE B 197 13.65 11.16 13.99
CA PHE B 197 12.43 11.42 14.79
C PHE B 197 11.28 10.55 14.26
N ASN B 198 11.26 9.28 14.66
CA ASN B 198 10.52 8.34 13.86
C ASN B 198 9.06 8.19 14.32
N GLN B 199 8.72 8.74 15.50
CA GLN B 199 7.33 8.91 15.94
C GLN B 199 6.63 7.58 16.20
N ARG B 200 7.39 6.58 16.62
CA ARG B 200 6.85 5.27 16.83
C ARG B 200 5.62 5.33 17.73
N LYS B 201 5.72 6.05 18.85
CA LYS B 201 4.62 6.16 19.80
C LYS B 201 3.32 6.73 19.14
N LEU B 202 3.42 7.87 18.45
CA LEU B 202 2.31 8.54 17.88
C LEU B 202 1.83 7.74 16.71
N LEU B 203 2.78 7.18 15.96
CA LEU B 203 2.39 6.28 14.85
C LEU B 203 1.51 5.14 15.32
N ASP B 204 1.96 4.41 16.34
CA ASP B 204 1.15 3.36 16.89
C ASP B 204 -0.21 3.88 17.39
N PHE B 205 -0.27 5.05 18.01
CA PHE B 205 -1.57 5.55 18.50
C PHE B 205 -2.51 5.78 17.32
N CYS B 206 -1.95 6.38 16.28
CA CYS B 206 -2.67 6.71 15.10
C CYS B 206 -3.21 5.45 14.43
N LYS B 207 -2.31 4.48 14.24
CA LYS B 207 -2.73 3.18 13.71
C LYS B 207 -3.87 2.60 14.54
N SER B 208 -3.78 2.73 15.87
CA SER B 208 -4.85 2.15 16.72
C SER B 208 -6.23 2.78 16.49
N LYS B 209 -6.29 3.98 15.91
CA LYS B 209 -7.54 4.68 15.62
C LYS B 209 -7.81 4.77 14.14
N ASP B 210 -7.08 3.99 13.35
CA ASP B 210 -7.16 4.11 11.91
C ASP B 210 -7.03 5.52 11.37
N ILE B 211 -6.07 6.26 11.87
CA ILE B 211 -5.63 7.53 11.37
C ILE B 211 -4.30 7.34 10.71
N VAL B 212 -4.17 7.87 9.50
CA VAL B 212 -2.94 7.82 8.74
C VAL B 212 -1.98 8.89 9.18
N LEU B 213 -0.78 8.47 9.52
CA LEU B 213 0.26 9.44 9.78
C LEU B 213 0.89 9.81 8.48
N VAL B 214 0.89 11.10 8.21
CA VAL B 214 1.52 11.66 7.00
C VAL B 214 2.78 12.43 7.44
N ALA B 215 3.91 12.12 6.79
CA ALA B 215 5.23 12.56 7.31
C ALA B 215 5.71 13.66 6.41
N TYR B 216 5.99 14.78 7.05
CA TYR B 216 6.76 15.83 6.48
C TYR B 216 8.16 15.91 7.09
N SER B 217 8.99 16.63 6.34
CA SER B 217 10.43 16.77 6.58
C SER B 217 11.03 15.39 6.60
N ALA B 218 10.48 14.51 5.76
CA ALA B 218 10.84 13.08 5.75
C ALA B 218 12.33 12.93 5.30
N LEU B 219 12.86 13.96 4.67
CA LEU B 219 14.26 14.03 4.23
C LEU B 219 15.15 14.95 5.09
N GLY B 220 14.71 15.35 6.29
CA GLY B 220 15.52 16.19 7.18
C GLY B 220 15.15 17.66 7.14
N SER B 221 14.05 18.00 6.46
CA SER B 221 13.50 19.39 6.40
C SER B 221 14.30 20.29 5.45
N HIS B 222 13.68 21.41 5.10
CA HIS B 222 14.29 22.50 4.33
C HIS B 222 15.58 23.04 4.95
N ARG B 223 15.77 22.82 6.26
CA ARG B 223 16.89 23.37 7.04
C ARG B 223 16.91 24.94 7.14
N GLU B 224 15.79 25.57 6.82
CA GLU B 224 15.68 27.04 6.68
C GLU B 224 15.59 27.79 8.02
N GLU B 225 16.49 28.76 8.21
CA GLU B 225 16.47 29.62 9.41
C GLU B 225 15.40 30.72 9.29
N PRO B 226 14.85 31.25 10.43
CA PRO B 226 15.14 30.81 11.80
C PRO B 226 14.37 29.54 12.27
N TRP B 227 13.61 28.89 11.38
CA TRP B 227 12.75 27.71 11.76
C TRP B 227 13.55 26.45 12.15
N VAL B 228 14.59 26.12 11.36
CA VAL B 228 15.45 24.95 11.63
C VAL B 228 16.84 25.39 12.14
N ASP B 229 17.23 24.89 13.32
CA ASP B 229 18.57 25.15 13.91
C ASP B 229 19.71 24.47 13.11
N PRO B 230 20.61 25.27 12.49
CA PRO B 230 21.67 24.69 11.65
C PRO B 230 22.78 23.91 12.38
N ASN B 231 22.79 23.88 13.72
CA ASN B 231 23.67 22.96 14.50
C ASN B 231 23.15 21.49 14.60
N SER B 232 21.90 21.28 14.18
CA SER B 232 21.28 19.96 14.24
C SER B 232 21.77 19.05 13.11
N PRO B 233 21.91 17.73 13.38
CA PRO B 233 22.48 16.79 12.40
C PRO B 233 21.76 16.82 11.05
N VAL B 234 22.51 16.53 9.99
CA VAL B 234 21.98 16.50 8.63
C VAL B 234 21.61 15.07 8.22
N LEU B 235 20.29 14.84 8.09
CA LEU B 235 19.76 13.52 7.92
C LEU B 235 20.41 12.73 6.82
N LEU B 236 20.48 13.35 5.66
CA LEU B 236 20.87 12.68 4.43
C LEU B 236 22.36 12.40 4.31
N GLU B 237 23.13 12.84 5.30
CA GLU B 237 24.55 12.52 5.41
C GLU B 237 24.75 11.43 6.48
N ASP B 238 23.69 10.74 6.89
CA ASP B 238 23.82 9.73 7.93
C ASP B 238 24.62 8.57 7.34
N PRO B 239 25.58 8.01 8.13
CA PRO B 239 26.41 6.93 7.61
C PRO B 239 25.61 5.66 7.27
N VAL B 240 24.69 5.26 8.15
CA VAL B 240 23.84 4.07 7.94
C VAL B 240 23.01 4.25 6.68
N LEU B 241 22.34 5.39 6.53
CA LEU B 241 21.56 5.70 5.31
C LEU B 241 22.38 5.73 4.03
N CYS B 242 23.56 6.34 4.08
CA CYS B 242 24.45 6.38 2.90
C CYS B 242 24.93 4.96 2.54
N ALA B 243 25.33 4.19 3.57
CA ALA B 243 25.65 2.76 3.44
C ALA B 243 24.51 1.97 2.74
N LEU B 244 23.29 2.01 3.29
CA LEU B 244 22.13 1.38 2.62
C LEU B 244 21.91 1.87 1.20
N ALA B 245 22.12 3.17 0.97
CA ALA B 245 21.99 3.74 -0.38
C ALA B 245 22.95 3.15 -1.38
N LYS B 246 24.22 3.07 -0.98
CA LYS B 246 25.26 2.49 -1.84
C LYS B 246 24.86 1.10 -2.35
N LYS B 247 24.50 0.28 -1.35
CA LYS B 247 24.14 -1.11 -1.52
C LYS B 247 23.02 -1.30 -2.54
N HIS B 248 21.95 -0.52 -2.40
CA HIS B 248 20.79 -0.65 -3.28
C HIS B 248 20.92 0.18 -4.53
N LYS B 249 22.02 0.90 -4.67
CA LYS B 249 22.19 1.79 -5.82
C LYS B 249 21.04 2.82 -5.92
N ARG B 250 20.72 3.39 -4.77
CA ARG B 250 19.72 4.48 -4.65
C ARG B 250 20.34 5.66 -3.91
N THR B 251 19.54 6.58 -3.39
CA THR B 251 20.09 7.73 -2.65
C THR B 251 19.63 7.64 -1.20
N PRO B 252 20.27 8.41 -0.29
CA PRO B 252 19.88 8.33 1.12
C PRO B 252 18.43 8.78 1.30
N ALA B 253 18.00 9.65 0.39
CA ALA B 253 16.67 10.20 0.37
C ALA B 253 15.64 9.12 0.16
N LEU B 254 15.90 8.34 -0.88
CA LEU B 254 15.01 7.26 -1.28
C LEU B 254 14.95 6.18 -0.21
N ILE B 255 16.05 5.92 0.51
CA ILE B 255 16.01 5.00 1.63
C ILE B 255 15.10 5.56 2.77
N ALA B 256 15.22 6.86 3.05
CA ALA B 256 14.37 7.51 4.08
C ALA B 256 12.87 7.51 3.72
N LEU B 257 12.55 7.74 2.44
CA LEU B 257 11.15 7.64 1.96
C LEU B 257 10.64 6.21 2.06
N ARG B 258 11.43 5.27 1.56
CA ARG B 258 11.02 3.88 1.55
C ARG B 258 10.75 3.35 2.93
N TYR B 259 11.58 3.71 3.90
CA TYR B 259 11.37 3.40 5.27
C TYR B 259 9.93 3.75 5.68
N GLN B 260 9.47 4.97 5.33
CA GLN B 260 8.13 5.39 5.75
C GLN B 260 7.05 4.57 5.08
N LEU B 261 7.18 4.38 3.78
CA LEU B 261 6.19 3.56 3.07
C LEU B 261 6.01 2.19 3.73
N GLN B 262 7.09 1.54 4.12
CA GLN B 262 6.97 0.20 4.66
C GLN B 262 6.45 0.15 6.05
N ARG B 263 6.54 1.24 6.79
CA ARG B 263 6.03 1.18 8.14
C ARG B 263 4.59 1.68 8.21
N GLY B 264 3.99 1.85 7.05
CA GLY B 264 2.60 2.31 6.99
C GLY B 264 2.38 3.82 7.01
N VAL B 265 3.40 4.61 6.69
CA VAL B 265 3.34 6.08 6.74
C VAL B 265 3.18 6.61 5.30
N VAL B 266 2.34 7.63 5.10
CA VAL B 266 2.29 8.28 3.82
C VAL B 266 3.31 9.39 3.91
N VAL B 267 4.09 9.54 2.86
CA VAL B 267 5.32 10.32 2.95
C VAL B 267 5.25 11.45 1.91
N LEU B 268 5.54 12.67 2.35
CA LEU B 268 5.68 13.80 1.43
C LEU B 268 7.14 14.01 1.10
N ALA B 269 7.39 14.56 -0.07
CA ALA B 269 8.75 14.84 -0.56
C ALA B 269 8.63 16.12 -1.32
N LYS B 270 9.34 17.15 -0.90
CA LYS B 270 9.44 18.40 -1.73
C LYS B 270 10.81 18.45 -2.40
N SER B 271 10.77 18.71 -3.71
CA SER B 271 11.93 19.16 -4.48
C SER B 271 11.43 20.07 -5.59
N TYR B 272 12.20 21.12 -5.87
CA TYR B 272 11.92 21.95 -7.02
C TYR B 272 12.86 21.58 -8.18
N ASN B 273 13.97 20.90 -7.85
CA ASN B 273 14.98 20.49 -8.85
C ASN B 273 14.49 19.18 -9.46
N GLU B 274 14.35 19.16 -10.78
CA GLU B 274 13.69 18.07 -11.52
C GLU B 274 14.33 16.70 -11.31
N GLN B 275 15.65 16.73 -11.19
CA GLN B 275 16.41 15.54 -10.83
C GLN B 275 15.72 14.85 -9.67
N ARG B 276 15.60 15.57 -8.57
CA ARG B 276 15.20 15.04 -7.28
C ARG B 276 13.70 14.69 -7.30
N ILE B 277 12.93 15.46 -8.08
CA ILE B 277 11.52 15.14 -8.33
C ILE B 277 11.37 13.74 -8.95
N ARG B 278 12.12 13.47 -10.01
CA ARG B 278 12.01 12.17 -10.72
C ARG B 278 12.59 11.02 -9.90
N GLN B 279 13.71 11.28 -9.27
CA GLN B 279 14.32 10.32 -8.43
C GLN B 279 13.36 9.86 -7.30
N ASN B 280 12.60 10.77 -6.72
CA ASN B 280 11.78 10.44 -5.56
C ASN B 280 10.67 9.41 -5.88
N VAL B 281 10.11 9.47 -7.07
CA VAL B 281 9.12 8.47 -7.53
C VAL B 281 9.69 7.02 -7.61
N GLN B 282 10.99 6.87 -7.47
CA GLN B 282 11.61 5.54 -7.61
C GLN B 282 11.49 4.78 -6.32
N VAL B 283 10.80 5.38 -5.35
CA VAL B 283 10.59 4.73 -4.03
C VAL B 283 9.76 3.42 -4.16
N PHE B 284 9.05 3.29 -5.27
CA PHE B 284 8.18 2.16 -5.56
C PHE B 284 8.93 1.04 -6.26
N GLU B 285 10.22 1.21 -6.51
CA GLU B 285 10.98 0.28 -7.37
C GLU B 285 11.89 -0.69 -6.61
N PHE B 286 11.98 -0.55 -5.30
CA PHE B 286 12.76 -1.43 -4.43
C PHE B 286 12.08 -1.59 -3.07
N GLN B 287 12.66 -2.49 -2.25
CA GLN B 287 12.15 -2.87 -0.93
C GLN B 287 13.30 -3.00 0.01
N LEU B 288 13.00 -2.81 1.30
CA LEU B 288 13.97 -2.91 2.37
C LEU B 288 13.60 -4.14 3.18
N THR B 289 14.61 -4.93 3.58
CA THR B 289 14.38 -6.13 4.38
C THR B 289 14.14 -5.75 5.81
N SER B 290 13.72 -6.73 6.60
CA SER B 290 13.43 -6.47 7.99
C SER B 290 14.68 -6.03 8.78
N GLU B 291 15.87 -6.59 8.49
CA GLU B 291 17.15 -6.17 9.11
C GLU B 291 17.43 -4.70 8.79
N GLU B 292 17.25 -4.32 7.53
CA GLU B 292 17.47 -2.94 7.06
C GLU B 292 16.54 -1.95 7.78
N MET B 293 15.29 -2.36 7.98
CA MET B 293 14.30 -1.50 8.64
C MET B 293 14.68 -1.33 10.08
N LYS B 294 15.14 -2.41 10.72
CA LYS B 294 15.60 -2.32 12.10
C LYS B 294 16.83 -1.42 12.24
N ALA B 295 17.72 -1.44 11.25
CA ALA B 295 18.85 -0.50 11.21
C ALA B 295 18.34 0.96 11.16
N ILE B 296 17.30 1.22 10.37
CA ILE B 296 16.77 2.59 10.29
C ILE B 296 16.07 2.97 11.60
N ASP B 297 15.28 2.06 12.16
CA ASP B 297 14.71 2.26 13.47
C ASP B 297 15.78 2.67 14.49
N GLY B 298 16.92 1.98 14.44
CA GLY B 298 18.06 2.26 15.35
C GLY B 298 18.59 3.68 15.32
N LEU B 299 18.40 4.37 14.18
CA LEU B 299 18.86 5.76 14.02
C LEU B 299 18.11 6.81 14.82
N ASN B 300 16.97 6.44 15.39
CA ASN B 300 16.10 7.36 16.06
C ASN B 300 16.81 8.07 17.20
N ARG B 301 16.73 9.39 17.25
CA ARG B 301 17.40 10.10 18.31
C ARG B 301 16.60 11.28 18.83
N ASN B 302 15.30 11.27 18.57
CA ASN B 302 14.37 12.29 19.06
C ASN B 302 14.85 13.71 18.88
N VAL B 303 15.38 14.01 17.68
CA VAL B 303 15.68 15.40 17.29
C VAL B 303 14.45 15.90 16.55
N ARG B 304 13.74 16.82 17.15
CA ARG B 304 12.66 17.48 16.43
C ARG B 304 13.24 18.69 15.72
N TYR B 305 13.12 18.74 14.41
CA TYR B 305 13.71 19.84 13.64
C TYR B 305 12.82 21.07 13.64
N LEU B 306 11.52 20.86 13.50
CA LEU B 306 10.59 21.95 13.46
C LEU B 306 9.83 22.06 14.79
N THR B 307 10.31 22.91 15.69
CA THR B 307 9.65 23.09 16.98
C THR B 307 8.51 24.12 16.92
N LEU B 308 8.57 25.05 15.96
CA LEU B 308 7.67 26.22 15.91
C LEU B 308 7.51 26.82 17.28
N ASP B 309 8.65 26.98 17.95
CA ASP B 309 8.63 27.41 19.32
C ASP B 309 8.21 28.88 19.45
N ILE B 310 8.21 29.68 18.37
CA ILE B 310 7.57 30.98 18.49
C ILE B 310 6.11 30.85 18.90
N PHE B 311 5.50 29.68 18.67
CA PHE B 311 4.09 29.48 19.12
C PHE B 311 3.97 28.85 20.51
N ALA B 312 5.06 28.81 21.27
CA ALA B 312 5.03 28.19 22.63
C ALA B 312 4.25 29.05 23.60
N GLY B 313 3.62 28.42 24.58
CA GLY B 313 2.95 29.15 25.62
C GLY B 313 1.46 28.81 25.71
N PRO B 314 0.73 28.86 24.60
CA PRO B 314 -0.69 28.53 24.73
C PRO B 314 -0.99 27.07 25.12
N PRO B 315 -2.20 26.79 25.63
CA PRO B 315 -2.48 25.43 26.04
C PRO B 315 -2.41 24.34 24.95
N ASN B 316 -2.61 24.72 23.67
CA ASN B 316 -2.60 23.79 22.60
C ASN B 316 -1.31 23.72 21.85
N TYR B 317 -0.24 24.34 22.40
CA TYR B 317 1.07 24.17 21.79
C TYR B 317 1.34 22.66 21.91
N PRO B 318 1.67 22.02 20.82
CA PRO B 318 1.65 20.54 20.84
C PRO B 318 2.95 19.82 21.23
N PHE B 319 4.06 20.53 21.34
CA PHE B 319 5.34 19.86 21.56
C PHE B 319 5.99 19.99 22.94
N SER B 320 5.32 20.55 23.95
CA SER B 320 5.98 20.52 25.28
C SER B 320 5.78 19.16 25.96
#